data_9HT5
#
_entry.id   9HT5
#
_cell.length_a   39.146
_cell.length_b   59.386
_cell.length_c   101.171
_cell.angle_alpha   101.36
_cell.angle_beta   94.49
_cell.angle_gamma   100.54
#
_symmetry.space_group_name_H-M   'P 1'
#
loop_
_entity.id
_entity.type
_entity.pdbx_description
1 polymer 'Periplasmic substrate-binding transport protein'
2 non-polymer 'NITRILOTRIACETIC ACID'
3 non-polymer 'FE (III) ION'
4 water water
#
_entity_poly.entity_id   1
_entity_poly.type   'polypeptide(L)'
_entity_poly.pdbx_seq_one_letter_code
;SENITDMAGRSVVIPAKVERILLGEGRLFYAVSLLEGQKPFDRIVGWQGDFRKLDTQTYAVYKAKFPQVDNIPLIGNTTA
DSISPEKVLTLNPDIAIFGLSGHGPGKNSELVKQLEKAGVPVVFVDFRTSPLKNTLPSMRVLGKVLHREQQANDYIKFYE
DNVRKVTEITSKIPADKKPSVFIELRAGAMEECCGTAGKGNMGDFIDQAGGNNMAKNLLPGALGTVNLEKVLSTNPDIYI
ASGGKAPDNNAPGVSLGAQVTKEQAQSSLQTILDRKGINTLSAVKNGRSYGIWHNFYNSPYNVLAIQSFAKWFYPQQFAD
LDPNNTMNSLYSQFLAIEPTGTYWVDS
;
_entity_poly.pdbx_strand_id   A,B,C
#
# COMPACT_ATOMS: atom_id res chain seq x y z
N GLU A 2 16.07 -12.22 -18.11
CA GLU A 2 16.15 -11.09 -19.06
C GLU A 2 14.79 -10.40 -19.17
N ASN A 3 13.68 -11.18 -19.13
CA ASN A 3 12.31 -10.67 -19.08
C ASN A 3 11.57 -11.16 -17.82
N ILE A 4 10.68 -10.31 -17.28
CA ILE A 4 9.83 -10.65 -16.14
C ILE A 4 8.44 -10.14 -16.46
N THR A 5 7.42 -10.70 -15.79
CA THR A 5 6.04 -10.29 -15.98
C THR A 5 5.68 -9.41 -14.79
N ASP A 6 5.15 -8.22 -15.08
CA ASP A 6 4.73 -7.27 -14.05
C ASP A 6 3.28 -7.54 -13.65
N MET A 7 2.73 -6.75 -12.71
CA MET A 7 1.42 -6.98 -12.16
C MET A 7 0.31 -6.59 -13.13
N ALA A 8 0.65 -5.93 -14.24
CA ALA A 8 -0.32 -5.73 -15.31
C ALA A 8 -0.25 -6.93 -16.26
N GLY A 9 0.63 -7.88 -15.97
CA GLY A 9 0.84 -9.03 -16.84
C GLY A 9 1.62 -8.63 -18.10
N ARG A 10 2.30 -7.47 -18.06
CA ARG A 10 3.11 -6.99 -19.16
C ARG A 10 4.50 -7.59 -19.00
N SER A 11 5.05 -8.05 -20.12
CA SER A 11 6.42 -8.54 -20.19
C SER A 11 7.35 -7.34 -20.30
N VAL A 12 8.36 -7.29 -19.43
CA VAL A 12 9.28 -6.17 -19.36
C VAL A 12 10.70 -6.71 -19.51
N VAL A 13 11.52 -6.02 -20.31
CA VAL A 13 12.93 -6.34 -20.46
C VAL A 13 13.67 -5.59 -19.35
N ILE A 14 14.19 -6.36 -18.40
CA ILE A 14 15.14 -5.91 -17.39
C ILE A 14 16.32 -5.20 -18.06
N PRO A 15 16.58 -3.91 -17.77
CA PRO A 15 17.79 -3.27 -18.27
C PRO A 15 19.04 -3.83 -17.59
N ALA A 16 20.18 -3.81 -18.29
CA ALA A 16 21.40 -4.39 -17.75
C ALA A 16 22.07 -3.43 -16.78
N LYS A 17 21.80 -2.13 -16.94
CA LYS A 17 22.28 -1.12 -16.01
C LYS A 17 21.07 -0.29 -15.54
N VAL A 18 20.88 -0.23 -14.22
CA VAL A 18 19.91 0.68 -13.65
C VAL A 18 20.59 1.57 -12.62
N GLU A 19 20.72 2.85 -13.01
CA GLU A 19 21.27 3.87 -12.13
C GLU A 19 20.24 4.97 -11.88
N ARG A 20 19.16 4.99 -12.65
CA ARG A 20 18.27 6.14 -12.71
C ARG A 20 16.83 5.63 -12.72
N ILE A 21 16.15 5.83 -11.59
CA ILE A 21 14.82 5.27 -11.38
C ILE A 21 13.83 6.43 -11.31
N LEU A 22 12.81 6.39 -12.16
CA LEU A 22 11.67 7.28 -12.04
C LEU A 22 10.54 6.62 -11.27
N LEU A 23 10.02 7.30 -10.26
CA LEU A 23 8.85 6.79 -9.49
C LEU A 23 7.57 7.52 -9.96
N GLY A 24 6.69 6.83 -10.67
CA GLY A 24 5.42 7.40 -11.18
C GLY A 24 4.50 7.75 -10.02
N GLU A 25 4.67 7.03 -8.92
CA GLU A 25 3.96 7.44 -7.68
C GLU A 25 5.05 7.50 -6.60
N GLY A 26 5.18 8.64 -5.94
CA GLY A 26 6.25 8.83 -4.96
C GLY A 26 6.23 7.82 -3.84
N ARG A 27 5.06 7.40 -3.43
CA ARG A 27 4.97 6.50 -2.29
C ARG A 27 5.48 5.11 -2.63
N LEU A 28 5.70 4.82 -3.92
CA LEU A 28 6.41 3.61 -4.32
C LEU A 28 7.82 3.61 -3.74
N PHE A 29 8.27 4.75 -3.23
CA PHE A 29 9.54 4.83 -2.54
C PHE A 29 9.53 3.89 -1.32
N TYR A 30 8.36 3.64 -0.72
CA TYR A 30 8.33 2.70 0.39
C TYR A 30 8.93 1.36 -0.05
N ALA A 31 8.54 0.89 -1.24
CA ALA A 31 9.03 -0.37 -1.77
C ALA A 31 10.53 -0.30 -2.14
N VAL A 32 10.90 0.74 -2.87
CA VAL A 32 12.27 0.92 -3.36
C VAL A 32 13.24 1.04 -2.20
N SER A 33 12.80 1.65 -1.11
CA SER A 33 13.67 1.89 0.04
C SER A 33 14.17 0.56 0.59
N LEU A 34 13.33 -0.47 0.49
CA LEU A 34 13.67 -1.82 0.99
C LEU A 34 14.88 -2.38 0.24
N LEU A 35 15.17 -1.79 -0.93
CA LEU A 35 16.13 -2.37 -1.85
C LEU A 35 17.47 -1.62 -1.84
N GLU A 36 17.47 -0.36 -1.34
CA GLU A 36 18.58 0.56 -1.56
C GLU A 36 19.50 0.67 -0.34
N GLY A 37 19.24 -0.12 0.71
CA GLY A 37 20.08 -0.13 1.90
C GLY A 37 20.35 1.29 2.43
N GLN A 38 21.63 1.60 2.60
CA GLN A 38 22.06 2.85 3.20
C GLN A 38 22.08 4.00 2.19
N LYS A 39 21.75 3.73 0.90
CA LYS A 39 21.76 4.75 -0.14
C LYS A 39 20.36 4.93 -0.72
N PRO A 40 19.35 5.34 0.07
CA PRO A 40 17.96 5.36 -0.42
C PRO A 40 17.68 6.20 -1.66
N PHE A 41 18.37 7.36 -1.81
CA PHE A 41 18.02 8.34 -2.83
C PHE A 41 18.97 8.32 -4.03
N ASP A 42 20.08 7.56 -3.93
CA ASP A 42 21.14 7.66 -4.91
C ASP A 42 20.69 7.35 -6.35
N ARG A 43 19.62 6.57 -6.54
CA ARG A 43 19.21 6.19 -7.90
C ARG A 43 17.85 6.79 -8.27
N ILE A 44 17.29 7.67 -7.43
CA ILE A 44 15.99 8.23 -7.73
C ILE A 44 16.22 9.52 -8.51
N VAL A 45 15.76 9.60 -9.76
CA VAL A 45 16.01 10.76 -10.60
C VAL A 45 14.75 11.63 -10.71
N GLY A 46 13.60 11.08 -10.32
CA GLY A 46 12.40 11.88 -10.28
C GLY A 46 11.26 11.10 -9.63
N TRP A 47 10.30 11.86 -9.12
CA TRP A 47 9.09 11.21 -8.56
C TRP A 47 7.90 12.16 -8.54
N GLN A 48 6.71 11.59 -8.57
CA GLN A 48 5.49 12.38 -8.34
C GLN A 48 5.55 12.79 -6.86
N GLY A 49 4.93 13.91 -6.49
CA GLY A 49 5.07 14.48 -5.13
C GLY A 49 4.27 13.85 -4.02
N ASP A 50 3.57 12.77 -4.26
CA ASP A 50 2.72 12.19 -3.18
CA ASP A 50 2.74 12.09 -3.21
C ASP A 50 3.42 11.79 -1.85
N PHE A 51 4.68 11.42 -2.00
CA PHE A 51 5.46 11.08 -0.78
C PHE A 51 5.84 12.36 -0.08
N ARG A 52 6.30 13.34 -0.84
CA ARG A 52 6.75 14.57 -0.20
C ARG A 52 5.56 15.35 0.36
N LYS A 53 4.45 15.41 -0.38
CA LYS A 53 3.32 16.23 -0.01
C LYS A 53 2.34 15.50 0.91
N LEU A 54 2.12 14.19 0.70
CA LEU A 54 1.15 13.44 1.48
C LEU A 54 1.83 12.60 2.57
N ASP A 55 3.16 12.55 2.66
CA ASP A 55 3.75 11.85 3.80
C ASP A 55 4.88 12.70 4.32
N THR A 56 4.48 13.88 4.83
CA THR A 56 5.39 14.92 5.26
C THR A 56 6.23 14.39 6.39
N GLN A 57 5.65 13.52 7.22
CA GLN A 57 6.36 13.02 8.36
C GLN A 57 7.50 12.10 7.99
N THR A 58 7.26 11.13 7.10
CA THR A 58 8.31 10.21 6.67
C THR A 58 9.35 11.01 5.87
N TYR A 59 8.85 11.91 5.00
CA TYR A 59 9.76 12.73 4.22
C TYR A 59 10.69 13.48 5.16
N ALA A 60 10.13 14.08 6.22
CA ALA A 60 10.89 14.96 7.09
C ALA A 60 12.00 14.18 7.77
N VAL A 61 11.76 12.91 8.13
CA VAL A 61 12.77 12.12 8.81
C VAL A 61 13.92 11.84 7.86
N TYR A 62 13.58 11.51 6.60
CA TYR A 62 14.58 11.31 5.57
C TYR A 62 15.37 12.60 5.34
N LYS A 63 14.69 13.75 5.26
CA LYS A 63 15.33 15.03 4.97
C LYS A 63 16.37 15.41 6.04
N ALA A 64 16.08 15.07 7.29
CA ALA A 64 17.01 15.26 8.39
C ALA A 64 18.36 14.62 8.10
N LYS A 65 18.34 13.41 7.53
CA LYS A 65 19.55 12.61 7.38
C LYS A 65 20.11 12.73 5.97
N PHE A 66 19.21 13.03 5.02
CA PHE A 66 19.58 13.11 3.59
C PHE A 66 18.94 14.36 3.00
N PRO A 67 19.50 15.56 3.26
CA PRO A 67 18.92 16.85 2.79
C PRO A 67 18.75 16.88 1.27
N GLN A 68 19.51 16.07 0.55
CA GLN A 68 19.48 15.99 -0.93
C GLN A 68 18.08 15.59 -1.44
N VAL A 69 17.24 15.09 -0.55
CA VAL A 69 15.90 14.63 -0.97
C VAL A 69 15.13 15.79 -1.63
N ASP A 70 15.41 17.04 -1.22
CA ASP A 70 14.69 18.24 -1.73
C ASP A 70 15.11 18.57 -3.17
N ASN A 71 16.18 17.94 -3.65
CA ASN A 71 16.71 18.18 -5.01
C ASN A 71 16.09 17.21 -6.01
N ILE A 72 15.38 16.19 -5.51
CA ILE A 72 14.74 15.19 -6.42
C ILE A 72 13.59 15.90 -7.14
N PRO A 73 13.66 16.02 -8.48
CA PRO A 73 12.58 16.66 -9.21
C PRO A 73 11.20 16.09 -8.89
N LEU A 74 10.20 16.98 -8.87
CA LEU A 74 8.83 16.56 -8.69
C LEU A 74 8.12 16.59 -10.03
N ILE A 75 7.66 15.43 -10.44
CA ILE A 75 7.04 15.30 -11.79
C ILE A 75 5.53 15.48 -11.69
N GLY A 76 5.02 16.44 -12.44
CA GLY A 76 3.59 16.75 -12.47
C GLY A 76 3.36 18.07 -13.19
N ASN A 77 2.14 18.61 -13.14
CA ASN A 77 1.81 19.78 -13.93
C ASN A 77 1.54 21.01 -13.06
N THR A 78 1.60 20.89 -11.73
CA THR A 78 1.21 21.97 -10.84
C THR A 78 2.40 22.86 -10.53
N THR A 79 2.13 23.92 -9.77
CA THR A 79 3.16 24.86 -9.37
C THR A 79 4.06 24.25 -8.30
N ALA A 80 3.59 23.21 -7.61
CA ALA A 80 4.39 22.47 -6.65
C ALA A 80 5.36 21.51 -7.33
N ASP A 81 5.18 21.30 -8.65
CA ASP A 81 5.96 20.35 -9.40
C ASP A 81 7.05 21.12 -10.16
N SER A 82 8.22 20.49 -10.34
CA SER A 82 9.35 21.16 -10.95
C SER A 82 9.64 20.63 -12.35
N ILE A 83 8.94 19.60 -12.81
CA ILE A 83 9.18 19.08 -14.14
C ILE A 83 7.93 18.35 -14.62
N SER A 84 7.48 18.75 -15.80
CA SER A 84 6.22 18.28 -16.34
C SER A 84 6.46 16.90 -16.94
N PRO A 85 5.42 16.06 -17.04
CA PRO A 85 5.54 14.78 -17.72
C PRO A 85 6.28 14.85 -19.06
N GLU A 86 5.99 15.87 -19.87
CA GLU A 86 6.45 15.93 -21.26
C GLU A 86 7.98 16.09 -21.35
N LYS A 87 8.65 16.41 -20.23
CA LYS A 87 10.08 16.72 -20.26
C LYS A 87 10.89 15.71 -19.43
N VAL A 88 10.24 14.62 -18.99
CA VAL A 88 10.87 13.70 -18.03
C VAL A 88 12.06 12.98 -18.68
N LEU A 89 12.09 12.92 -20.02
CA LEU A 89 13.22 12.36 -20.76
C LEU A 89 14.52 13.06 -20.41
N THR A 90 14.46 14.35 -20.02
CA THR A 90 15.67 15.07 -19.66
C THR A 90 16.33 14.48 -18.42
N LEU A 91 15.64 13.60 -17.69
CA LEU A 91 16.17 13.05 -16.45
C LEU A 91 16.90 11.73 -16.76
N ASN A 92 16.72 11.21 -17.99
CA ASN A 92 17.37 9.97 -18.39
C ASN A 92 17.15 8.87 -17.36
N PRO A 93 15.89 8.41 -17.18
CA PRO A 93 15.61 7.25 -16.34
C PRO A 93 15.87 5.96 -17.08
N ASP A 94 16.45 4.98 -16.39
CA ASP A 94 16.67 3.66 -16.93
C ASP A 94 15.38 2.84 -16.83
N ILE A 95 14.50 3.22 -15.88
CA ILE A 95 13.29 2.46 -15.64
C ILE A 95 12.30 3.31 -14.88
N ALA A 96 11.00 3.04 -15.09
CA ALA A 96 9.93 3.78 -14.44
C ALA A 96 8.98 2.80 -13.76
N ILE A 97 8.62 3.13 -12.52
CA ILE A 97 7.80 2.26 -11.69
C ILE A 97 6.45 2.92 -11.49
N PHE A 98 5.37 2.17 -11.72
CA PHE A 98 4.02 2.71 -11.58
C PHE A 98 3.18 1.74 -10.76
N GLY A 99 2.14 2.32 -10.10
CA GLY A 99 1.07 1.55 -9.48
C GLY A 99 -0.03 1.22 -10.50
N LEU A 100 -0.83 0.24 -10.15
CA LEU A 100 -1.90 -0.25 -11.00
C LEU A 100 -3.08 0.71 -10.87
N SER A 101 -3.17 1.40 -9.72
CA SER A 101 -4.36 2.13 -9.34
C SER A 101 -4.54 3.41 -10.18
N SER A 109 -2.15 7.05 -18.37
CA SER A 109 -1.37 8.25 -17.98
C SER A 109 -0.55 8.78 -19.15
N GLU A 110 -0.62 10.11 -19.30
CA GLU A 110 0.27 10.85 -20.18
C GLU A 110 1.73 10.57 -19.82
N LEU A 111 2.01 10.39 -18.51
CA LEU A 111 3.35 10.13 -18.03
C LEU A 111 3.84 8.79 -18.56
N VAL A 112 2.99 7.77 -18.44
CA VAL A 112 3.31 6.42 -18.89
C VAL A 112 3.55 6.42 -20.41
N LYS A 113 2.69 7.14 -21.15
CA LYS A 113 2.80 7.21 -22.60
C LYS A 113 4.13 7.87 -22.99
N GLN A 114 4.44 9.01 -22.34
CA GLN A 114 5.65 9.77 -22.60
C GLN A 114 6.88 8.87 -22.43
N LEU A 115 6.90 8.05 -21.38
CA LEU A 115 8.02 7.18 -21.05
C LEU A 115 8.13 6.00 -22.03
N GLU A 116 6.99 5.38 -22.34
CA GLU A 116 6.95 4.29 -23.30
C GLU A 116 7.40 4.79 -24.69
N LYS A 117 7.00 6.02 -25.05
CA LYS A 117 7.36 6.60 -26.33
C LYS A 117 8.86 6.89 -26.40
N ALA A 118 9.53 6.99 -25.24
CA ALA A 118 10.97 7.24 -25.19
C ALA A 118 11.76 5.95 -25.03
N GLY A 119 11.10 4.79 -25.05
CA GLY A 119 11.78 3.51 -24.87
C GLY A 119 12.27 3.30 -23.42
N VAL A 120 11.60 3.94 -22.45
CA VAL A 120 11.92 3.67 -21.07
C VAL A 120 11.09 2.49 -20.60
N PRO A 121 11.73 1.40 -20.12
CA PRO A 121 10.99 0.30 -19.51
C PRO A 121 10.09 0.75 -18.34
N VAL A 122 8.84 0.28 -18.35
CA VAL A 122 7.83 0.65 -17.38
C VAL A 122 7.40 -0.64 -16.69
N VAL A 123 7.39 -0.63 -15.36
CA VAL A 123 6.99 -1.79 -14.57
C VAL A 123 5.81 -1.41 -13.70
N PHE A 124 4.72 -2.20 -13.77
CA PHE A 124 3.56 -1.99 -12.92
C PHE A 124 3.66 -2.89 -11.71
N VAL A 125 3.44 -2.33 -10.52
CA VAL A 125 3.29 -3.10 -9.30
C VAL A 125 1.96 -2.72 -8.65
N ASP A 126 1.66 -3.36 -7.51
CA ASP A 126 0.41 -3.09 -6.82
C ASP A 126 0.51 -3.42 -5.33
N PHE A 127 0.33 -2.40 -4.48
CA PHE A 127 0.17 -2.65 -3.05
C PHE A 127 -1.19 -2.13 -2.58
N ARG A 128 -2.03 -1.70 -3.52
CA ARG A 128 -3.19 -0.90 -3.20
CA ARG A 128 -3.18 -0.89 -3.20
C ARG A 128 -4.46 -1.70 -3.42
N THR A 129 -4.65 -2.22 -4.64
CA THR A 129 -5.97 -2.75 -4.94
C THR A 129 -6.06 -4.20 -4.46
N SER A 130 -5.00 -5.02 -4.64
CA SER A 130 -5.00 -6.39 -4.12
C SER A 130 -3.70 -6.72 -3.41
N PRO A 131 -3.44 -6.09 -2.25
CA PRO A 131 -2.17 -6.28 -1.54
C PRO A 131 -1.85 -7.72 -1.17
N LEU A 132 -2.88 -8.51 -0.85
CA LEU A 132 -2.66 -9.90 -0.45
C LEU A 132 -2.10 -10.67 -1.65
N LYS A 133 -2.68 -10.50 -2.83
CA LYS A 133 -2.19 -11.17 -4.03
C LYS A 133 -0.86 -10.57 -4.51
N ASN A 134 -0.70 -9.24 -4.41
CA ASN A 134 0.27 -8.56 -5.25
C ASN A 134 1.50 -8.00 -4.51
N THR A 135 1.49 -7.98 -3.19
CA THR A 135 2.58 -7.35 -2.45
C THR A 135 3.89 -8.06 -2.80
N LEU A 136 3.93 -9.39 -2.59
CA LEU A 136 5.19 -10.11 -2.68
C LEU A 136 5.62 -10.28 -4.14
N PRO A 137 4.74 -10.66 -5.08
CA PRO A 137 5.09 -10.62 -6.50
C PRO A 137 5.62 -9.25 -6.94
N SER A 138 5.07 -8.16 -6.40
CA SER A 138 5.56 -6.81 -6.72
C SER A 138 7.03 -6.69 -6.31
N MET A 139 7.32 -7.14 -5.10
CA MET A 139 8.66 -7.02 -4.56
C MET A 139 9.63 -7.90 -5.38
N ARG A 140 9.18 -9.07 -5.82
CA ARG A 140 10.02 -9.97 -6.57
C ARG A 140 10.43 -9.29 -7.88
N VAL A 141 9.41 -8.81 -8.62
CA VAL A 141 9.61 -8.04 -9.84
C VAL A 141 10.61 -6.91 -9.58
N LEU A 142 10.44 -6.17 -8.48
CA LEU A 142 11.26 -5.00 -8.23
C LEU A 142 12.72 -5.43 -8.00
N GLY A 143 12.93 -6.51 -7.25
CA GLY A 143 14.26 -7.02 -7.02
C GLY A 143 14.97 -7.34 -8.34
N LYS A 144 14.20 -7.87 -9.29
CA LYS A 144 14.75 -8.31 -10.56
C LYS A 144 15.07 -7.09 -11.44
N VAL A 145 14.13 -6.13 -11.55
CA VAL A 145 14.31 -5.08 -12.55
C VAL A 145 15.23 -3.99 -12.03
N LEU A 146 15.45 -3.93 -10.70
CA LEU A 146 16.32 -2.91 -10.11
C LEU A 146 17.64 -3.51 -9.62
N HIS A 147 17.88 -4.80 -9.89
CA HIS A 147 19.12 -5.51 -9.55
C HIS A 147 19.37 -5.50 -8.06
N ARG A 148 18.35 -5.93 -7.28
CA ARG A 148 18.45 -5.98 -5.82
C ARG A 148 17.67 -7.18 -5.32
N GLU A 149 17.94 -8.34 -5.94
CA GLU A 149 17.21 -9.57 -5.69
C GLU A 149 17.49 -10.09 -4.28
N GLN A 150 18.71 -9.96 -3.82
CA GLN A 150 19.04 -10.37 -2.46
C GLN A 150 18.14 -9.64 -1.45
N GLN A 151 17.96 -8.33 -1.68
CA GLN A 151 17.25 -7.49 -0.73
C GLN A 151 15.76 -7.78 -0.87
N ALA A 152 15.27 -7.89 -2.10
CA ALA A 152 13.88 -8.24 -2.34
C ALA A 152 13.56 -9.57 -1.65
N ASN A 153 14.40 -10.60 -1.87
CA ASN A 153 14.03 -11.95 -1.46
C ASN A 153 14.09 -12.10 0.05
N ASP A 154 15.08 -11.42 0.66
CA ASP A 154 15.15 -11.36 2.12
C ASP A 154 13.93 -10.63 2.68
N TYR A 155 13.43 -9.61 1.98
CA TYR A 155 12.27 -8.91 2.48
C TYR A 155 11.08 -9.83 2.36
N ILE A 156 10.99 -10.56 1.24
CA ILE A 156 9.91 -11.52 1.02
C ILE A 156 9.91 -12.56 2.15
N LYS A 157 11.09 -13.09 2.52
CA LYS A 157 11.15 -14.07 3.60
C LYS A 157 10.66 -13.44 4.92
N PHE A 158 11.15 -12.25 5.20
CA PHE A 158 10.82 -11.56 6.43
C PHE A 158 9.31 -11.31 6.50
N TYR A 159 8.71 -10.83 5.41
CA TYR A 159 7.28 -10.59 5.34
C TYR A 159 6.49 -11.88 5.50
N GLU A 160 6.84 -12.94 4.76
CA GLU A 160 6.18 -14.23 4.89
C GLU A 160 6.19 -14.70 6.35
N ASP A 161 7.39 -14.70 6.96
CA ASP A 161 7.51 -15.15 8.33
C ASP A 161 6.52 -14.39 9.21
N ASN A 162 6.47 -13.07 9.03
CA ASN A 162 5.78 -12.20 9.94
C ASN A 162 4.28 -12.25 9.70
N VAL A 163 3.86 -12.60 8.48
CA VAL A 163 2.46 -12.78 8.18
C VAL A 163 1.97 -14.14 8.73
N ARG A 164 2.81 -15.18 8.58
CA ARG A 164 2.46 -16.52 9.03
C ARG A 164 2.16 -16.53 10.53
N LYS A 165 2.92 -15.74 11.29
CA LYS A 165 2.75 -15.71 12.73
C LYS A 165 1.29 -15.41 13.06
N VAL A 166 0.65 -14.62 12.18
CA VAL A 166 -0.74 -14.27 12.35
C VAL A 166 -1.64 -15.38 11.80
N THR A 167 -1.43 -15.73 10.52
CA THR A 167 -2.43 -16.50 9.78
C THR A 167 -2.46 -17.98 10.21
N GLU A 168 -1.35 -18.48 10.77
CA GLU A 168 -1.33 -19.84 11.29
C GLU A 168 -2.33 -19.90 12.46
N ILE A 169 -2.65 -18.75 13.06
CA ILE A 169 -3.68 -18.69 14.09
C ILE A 169 -5.03 -18.26 13.50
N THR A 170 -5.08 -17.20 12.69
CA THR A 170 -6.38 -16.61 12.35
C THR A 170 -7.10 -17.50 11.33
N SER A 171 -6.38 -18.36 10.59
CA SER A 171 -7.04 -19.21 9.59
C SER A 171 -7.84 -20.33 10.26
N LYS A 172 -7.52 -20.65 11.53
CA LYS A 172 -8.19 -21.70 12.28
C LYS A 172 -9.35 -21.17 13.14
N ILE A 173 -9.73 -19.91 12.94
CA ILE A 173 -10.83 -19.34 13.71
C ILE A 173 -12.12 -19.47 12.92
N PRO A 174 -13.17 -20.09 13.51
CA PRO A 174 -14.47 -20.24 12.83
C PRO A 174 -15.16 -18.90 12.60
N ALA A 175 -15.85 -18.74 11.45
CA ALA A 175 -16.39 -17.44 11.07
C ALA A 175 -17.31 -16.85 12.16
N ASP A 176 -18.10 -17.68 12.81
CA ASP A 176 -19.07 -17.23 13.81
C ASP A 176 -18.36 -16.59 15.01
N LYS A 177 -17.07 -16.91 15.20
CA LYS A 177 -16.28 -16.47 16.34
C LYS A 177 -15.45 -15.23 15.98
N LYS A 178 -15.64 -14.67 14.78
CA LYS A 178 -14.79 -13.62 14.26
C LYS A 178 -15.47 -12.29 14.46
N PRO A 179 -14.75 -11.25 14.92
CA PRO A 179 -15.35 -9.95 15.10
C PRO A 179 -15.69 -9.33 13.76
N SER A 180 -16.86 -8.66 13.66
CA SER A 180 -17.18 -7.82 12.52
C SER A 180 -16.40 -6.51 12.66
N VAL A 181 -15.98 -5.93 11.50
CA VAL A 181 -15.03 -4.84 11.48
C VAL A 181 -15.43 -3.83 10.43
N PHE A 182 -15.23 -2.55 10.75
CA PHE A 182 -15.44 -1.45 9.77
C PHE A 182 -14.22 -0.53 9.85
N ILE A 183 -13.53 -0.35 8.74
CA ILE A 183 -12.47 0.63 8.68
C ILE A 183 -12.96 1.87 7.92
N GLU A 184 -12.84 3.02 8.59
CA GLU A 184 -13.12 4.33 7.95
C GLU A 184 -11.78 4.93 7.52
N LEU A 185 -11.50 4.91 6.23
CA LEU A 185 -10.30 5.46 5.66
C LEU A 185 -10.31 6.98 5.74
N ARG A 186 -9.20 7.54 6.24
CA ARG A 186 -9.00 8.98 6.32
C ARG A 186 -10.19 9.59 7.06
N ALA A 187 -10.52 8.99 8.21
CA ALA A 187 -11.61 9.44 9.05
C ALA A 187 -11.48 10.94 9.31
N GLY A 188 -12.56 11.67 9.01
CA GLY A 188 -12.64 13.09 9.29
C GLY A 188 -11.98 13.92 8.19
N ALA A 189 -11.81 13.31 7.02
CA ALA A 189 -11.14 14.00 5.91
C ALA A 189 -12.17 14.79 5.11
N MET A 190 -13.03 14.09 4.37
CA MET A 190 -14.07 14.73 3.58
C MET A 190 -15.27 14.99 4.48
N GLU A 191 -16.30 15.63 3.92
CA GLU A 191 -17.47 15.99 4.75
C GLU A 191 -18.39 14.77 4.78
N GLU A 192 -18.67 14.19 3.60
CA GLU A 192 -19.48 12.96 3.56
C GLU A 192 -18.68 11.89 4.30
N CYS A 193 -19.33 10.82 4.72
CA CYS A 193 -18.54 9.91 5.57
C CYS A 193 -18.58 8.41 5.29
N CYS A 194 -17.44 7.78 5.56
CA CYS A 194 -17.29 6.32 5.58
C CYS A 194 -16.70 5.83 4.25
N GLY A 195 -15.55 6.39 3.89
CA GLY A 195 -14.78 5.82 2.79
C GLY A 195 -14.12 4.60 3.42
N THR A 196 -14.13 3.47 2.73
CA THR A 196 -13.63 2.22 3.31
C THR A 196 -13.01 1.33 2.27
N ALA A 197 -12.58 0.16 2.71
CA ALA A 197 -12.07 -0.86 1.80
C ALA A 197 -13.04 -2.04 1.79
N GLY A 198 -13.15 -2.70 0.64
CA GLY A 198 -14.08 -3.80 0.50
C GLY A 198 -13.33 -5.06 0.10
N LYS A 199 -13.44 -5.42 -1.18
CA LYS A 199 -12.84 -6.62 -1.71
C LYS A 199 -11.40 -6.32 -2.13
N GLY A 200 -10.52 -6.01 -1.16
CA GLY A 200 -9.14 -5.62 -1.44
C GLY A 200 -8.70 -4.48 -0.52
N ASN A 201 -7.59 -3.85 -0.88
CA ASN A 201 -6.94 -2.84 -0.05
C ASN A 201 -6.84 -3.35 1.40
N MET A 202 -7.26 -2.53 2.37
CA MET A 202 -7.07 -2.88 3.77
C MET A 202 -8.00 -4.02 4.18
N GLY A 203 -9.05 -4.22 3.39
CA GLY A 203 -9.91 -5.40 3.48
C GLY A 203 -9.10 -6.69 3.58
N ASP A 204 -8.07 -6.80 2.74
CA ASP A 204 -7.20 -7.97 2.73
C ASP A 204 -6.59 -8.22 4.10
N PHE A 205 -6.22 -7.12 4.80
CA PHE A 205 -5.55 -7.19 6.09
C PHE A 205 -6.55 -7.62 7.17
N ILE A 206 -7.77 -7.09 7.09
CA ILE A 206 -8.85 -7.55 7.94
C ILE A 206 -9.00 -9.05 7.76
N ASP A 207 -9.08 -9.50 6.51
CA ASP A 207 -9.33 -10.90 6.20
C ASP A 207 -8.20 -11.74 6.82
N GLN A 208 -6.94 -11.37 6.56
CA GLN A 208 -5.80 -12.14 7.04
C GLN A 208 -5.71 -12.13 8.56
N ALA A 209 -6.20 -11.06 9.20
CA ALA A 209 -6.14 -10.89 10.64
C ALA A 209 -7.33 -11.55 11.35
N GLY A 210 -8.14 -12.31 10.63
CA GLY A 210 -9.22 -13.08 11.23
C GLY A 210 -10.47 -12.22 11.51
N GLY A 211 -10.58 -11.07 10.86
CA GLY A 211 -11.73 -10.22 10.99
C GLY A 211 -12.76 -10.48 9.89
N ASN A 212 -13.94 -9.90 10.07
CA ASN A 212 -14.99 -9.94 9.07
C ASN A 212 -15.33 -8.49 8.70
N ASN A 213 -14.80 -8.06 7.55
CA ASN A 213 -14.98 -6.72 7.05
C ASN A 213 -16.43 -6.51 6.60
N MET A 214 -17.18 -5.66 7.29
CA MET A 214 -18.58 -5.42 6.95
C MET A 214 -18.72 -4.70 5.61
N ALA A 215 -17.66 -4.13 5.05
CA ALA A 215 -17.81 -3.41 3.80
C ALA A 215 -17.65 -4.35 2.61
N LYS A 216 -17.07 -5.52 2.85
CA LYS A 216 -16.75 -6.44 1.76
C LYS A 216 -17.96 -6.67 0.83
N ASN A 217 -19.12 -6.96 1.42
CA ASN A 217 -20.30 -7.27 0.63
C ASN A 217 -20.99 -6.02 0.11
N LEU A 218 -20.59 -4.83 0.59
CA LEU A 218 -21.28 -3.61 0.27
C LEU A 218 -20.66 -2.94 -0.95
N LEU A 219 -19.45 -3.37 -1.34
CA LEU A 219 -18.68 -2.71 -2.38
C LEU A 219 -18.34 -3.73 -3.47
N PRO A 220 -18.37 -3.31 -4.77
CA PRO A 220 -17.88 -4.15 -5.84
C PRO A 220 -16.34 -4.19 -5.90
N GLY A 221 -15.69 -3.09 -5.49
CA GLY A 221 -14.25 -2.95 -5.66
C GLY A 221 -13.49 -2.95 -4.33
N ALA A 222 -12.20 -2.61 -4.45
CA ALA A 222 -11.26 -2.58 -3.35
C ALA A 222 -11.52 -1.38 -2.45
N LEU A 223 -11.97 -0.28 -3.07
CA LEU A 223 -12.16 0.98 -2.35
C LEU A 223 -13.52 1.53 -2.69
N GLY A 224 -14.12 2.19 -1.73
CA GLY A 224 -15.46 2.73 -1.95
C GLY A 224 -15.99 3.40 -0.72
N THR A 225 -17.30 3.61 -0.68
CA THR A 225 -17.90 4.33 0.44
C THR A 225 -19.09 3.58 0.98
N VAL A 226 -19.29 3.67 2.30
CA VAL A 226 -20.51 3.09 2.93
C VAL A 226 -21.08 4.25 3.78
N ASN A 227 -22.34 4.62 3.58
CA ASN A 227 -22.90 5.78 4.32
C ASN A 227 -22.87 5.48 5.82
N LEU A 228 -22.75 6.53 6.63
CA LEU A 228 -22.73 6.36 8.09
C LEU A 228 -23.96 5.55 8.53
N GLU A 229 -25.13 5.85 7.96
CA GLU A 229 -26.35 5.20 8.38
C GLU A 229 -26.18 3.68 8.34
N LYS A 230 -25.60 3.17 7.25
CA LYS A 230 -25.36 1.74 7.11
C LYS A 230 -24.31 1.24 8.12
N VAL A 231 -23.29 2.04 8.41
CA VAL A 231 -22.27 1.62 9.42
C VAL A 231 -22.98 1.51 10.78
N LEU A 232 -23.84 2.47 11.09
CA LEU A 232 -24.51 2.54 12.36
C LEU A 232 -25.52 1.41 12.47
N SER A 233 -26.21 1.10 11.36
CA SER A 233 -27.16 -0.01 11.40
C SER A 233 -26.41 -1.32 11.63
N THR A 234 -25.33 -1.52 10.91
CA THR A 234 -24.54 -2.75 11.04
C THR A 234 -23.87 -2.81 12.40
N ASN A 235 -23.34 -1.69 12.90
CA ASN A 235 -22.84 -1.65 14.28
C ASN A 235 -21.77 -2.73 14.50
N PRO A 236 -20.61 -2.66 13.82
CA PRO A 236 -19.60 -3.70 13.94
C PRO A 236 -18.99 -3.86 15.32
N ASP A 237 -18.41 -5.03 15.60
CA ASP A 237 -17.72 -5.27 16.86
C ASP A 237 -16.51 -4.35 17.00
N ILE A 238 -15.87 -4.04 15.87
CA ILE A 238 -14.63 -3.30 15.87
C ILE A 238 -14.69 -2.18 14.84
N TYR A 239 -14.18 -1.01 15.28
CA TYR A 239 -14.07 0.20 14.48
C TYR A 239 -12.60 0.57 14.35
N ILE A 240 -12.16 0.82 13.11
CA ILE A 240 -10.82 1.29 12.86
C ILE A 240 -10.91 2.54 12.01
N ALA A 241 -10.13 3.54 12.39
CA ALA A 241 -9.92 4.76 11.64
C ALA A 241 -8.50 4.77 11.11
N SER A 242 -8.35 5.09 9.81
CA SER A 242 -7.03 5.35 9.28
C SER A 242 -6.78 6.85 9.22
N GLY A 243 -5.49 7.22 9.34
CA GLY A 243 -5.08 8.59 9.11
C GLY A 243 -3.56 8.70 9.10
N GLY A 244 -3.06 9.86 8.65
CA GLY A 244 -1.65 10.17 8.73
C GLY A 244 -1.42 11.64 9.07
N LYS A 245 -2.29 12.19 9.90
CA LYS A 245 -2.32 13.62 10.13
C LYS A 245 -1.11 14.04 10.95
N ALA A 246 -0.58 15.22 10.62
CA ALA A 246 0.46 15.87 11.40
C ALA A 246 -0.05 16.11 12.82
N PRO A 247 0.80 15.99 13.86
CA PRO A 247 0.32 16.20 15.22
C PRO A 247 0.01 17.68 15.46
N ASP A 248 0.60 18.55 14.64
CA ASP A 248 0.21 19.94 14.52
C ASP A 248 -0.75 20.08 13.36
N ASN A 249 -2.01 19.71 13.59
CA ASN A 249 -3.10 19.98 12.66
C ASN A 249 -4.41 19.76 13.41
N ASN A 250 -5.24 20.81 13.46
CA ASN A 250 -6.44 20.80 14.27
C ASN A 250 -7.60 20.20 13.50
N ALA A 251 -7.51 20.21 12.16
CA ALA A 251 -8.52 19.56 11.32
C ALA A 251 -8.73 18.13 11.79
N PRO A 252 -9.95 17.57 11.69
CA PRO A 252 -10.21 16.26 12.27
C PRO A 252 -9.49 15.20 11.45
N GLY A 253 -8.98 14.20 12.15
CA GLY A 253 -8.05 13.29 11.53
C GLY A 253 -7.28 12.56 12.60
N VAL A 254 -6.99 11.28 12.34
CA VAL A 254 -6.10 10.56 13.22
C VAL A 254 -4.68 10.97 12.87
N SER A 255 -4.00 11.50 13.88
CA SER A 255 -2.60 11.80 13.81
C SER A 255 -1.83 10.52 14.08
N LEU A 256 -1.15 10.04 13.02
CA LEU A 256 -0.21 8.93 13.10
C LEU A 256 0.94 9.15 12.11
N GLY A 257 2.09 8.55 12.42
CA GLY A 257 3.26 8.63 11.56
C GLY A 257 4.55 8.77 12.34
N ALA A 258 5.62 9.10 11.62
CA ALA A 258 6.99 9.03 12.14
C ALA A 258 7.19 10.03 13.28
N GLN A 259 6.43 11.13 13.27
CA GLN A 259 6.64 12.22 14.21
C GLN A 259 5.49 12.34 15.22
N VAL A 260 4.75 11.25 15.48
CA VAL A 260 3.61 11.30 16.37
C VAL A 260 3.91 10.41 17.57
N THR A 261 3.63 10.91 18.79
CA THR A 261 3.71 10.07 19.98
C THR A 261 2.37 9.37 20.21
N LYS A 262 2.37 8.42 21.17
CA LYS A 262 1.19 7.65 21.55
C LYS A 262 0.07 8.57 22.00
N GLU A 263 0.42 9.53 22.87
CA GLU A 263 -0.50 10.45 23.51
C GLU A 263 -1.15 11.39 22.48
N GLN A 264 -0.39 11.84 21.50
CA GLN A 264 -0.95 12.69 20.46
C GLN A 264 -1.87 11.86 19.57
N ALA A 265 -1.46 10.60 19.35
CA ALA A 265 -2.25 9.66 18.56
C ALA A 265 -3.59 9.42 19.23
N GLN A 266 -3.56 9.11 20.54
CA GLN A 266 -4.78 8.79 21.28
C GLN A 266 -5.73 9.98 21.30
N SER A 267 -5.16 11.15 21.55
CA SER A 267 -5.94 12.36 21.63
C SER A 267 -6.67 12.63 20.32
N SER A 268 -5.98 12.45 19.17
CA SER A 268 -6.58 12.80 17.89
C SER A 268 -7.64 11.76 17.50
N LEU A 269 -7.40 10.51 17.88
CA LEU A 269 -8.39 9.47 17.70
C LEU A 269 -9.66 9.81 18.46
N GLN A 270 -9.48 10.22 19.72
CA GLN A 270 -10.61 10.54 20.59
C GLN A 270 -11.52 11.58 19.93
N THR A 271 -10.94 12.63 19.34
CA THR A 271 -11.73 13.62 18.61
C THR A 271 -12.52 12.96 17.47
N ILE A 272 -11.91 11.97 16.80
CA ILE A 272 -12.54 11.27 15.69
C ILE A 272 -13.71 10.41 16.18
N LEU A 273 -13.52 9.76 17.34
CA LEU A 273 -14.52 8.91 17.95
C LEU A 273 -15.69 9.70 18.56
N ASP A 274 -15.52 11.00 18.80
CA ASP A 274 -16.53 11.80 19.46
C ASP A 274 -17.52 12.38 18.46
N ARG A 275 -17.25 12.17 17.19
CA ARG A 275 -18.11 12.75 16.15
C ARG A 275 -19.55 12.25 16.26
N LYS A 276 -20.51 13.10 15.93
CA LYS A 276 -21.92 12.73 15.91
C LYS A 276 -22.10 11.50 15.03
N GLY A 277 -22.97 10.59 15.47
CA GLY A 277 -23.20 9.34 14.77
C GLY A 277 -22.16 8.30 15.20
N ILE A 278 -20.90 8.55 14.86
CA ILE A 278 -19.83 7.63 15.21
C ILE A 278 -19.86 7.36 16.71
N ASN A 279 -20.09 8.39 17.53
CA ASN A 279 -20.04 8.20 18.98
C ASN A 279 -21.18 7.30 19.51
N THR A 280 -22.14 6.88 18.67
CA THR A 280 -23.19 5.96 19.12
C THR A 280 -22.86 4.48 18.80
N LEU A 281 -21.76 4.20 18.10
CA LEU A 281 -21.40 2.82 17.80
C LEU A 281 -21.03 2.09 19.09
N SER A 282 -21.39 0.81 19.19
CA SER A 282 -21.04 -0.02 20.31
C SER A 282 -19.53 -0.19 20.43
N ALA A 283 -18.84 -0.30 19.28
CA ALA A 283 -17.38 -0.44 19.27
C ALA A 283 -16.73 0.73 19.99
N VAL A 284 -17.28 1.94 19.77
CA VAL A 284 -16.76 3.15 20.36
C VAL A 284 -17.06 3.15 21.86
N LYS A 285 -18.27 2.71 22.24
CA LYS A 285 -18.70 2.65 23.64
C LYS A 285 -17.89 1.57 24.35
N ASN A 286 -17.69 0.42 23.71
CA ASN A 286 -16.93 -0.68 24.28
C ASN A 286 -15.43 -0.38 24.29
N GLY A 287 -15.00 0.66 23.57
CA GLY A 287 -13.58 0.95 23.45
C GLY A 287 -12.82 0.01 22.50
N ARG A 288 -13.53 -0.75 21.66
CA ARG A 288 -12.88 -1.53 20.60
C ARG A 288 -12.77 -0.65 19.36
N SER A 289 -12.00 0.43 19.51
CA SER A 289 -11.84 1.47 18.52
C SER A 289 -10.36 1.83 18.43
N TYR A 290 -9.86 1.87 17.18
CA TYR A 290 -8.42 1.82 16.91
C TYR A 290 -8.07 2.72 15.74
N GLY A 291 -6.80 3.14 15.67
CA GLY A 291 -6.28 3.95 14.59
C GLY A 291 -5.09 3.28 13.91
N ILE A 292 -5.05 3.35 12.57
CA ILE A 292 -4.02 2.70 11.76
C ILE A 292 -3.50 3.75 10.78
N TRP A 293 -2.17 3.77 10.62
CA TRP A 293 -1.53 4.62 9.64
C TRP A 293 -2.09 4.36 8.24
N HIS A 294 -2.57 5.43 7.58
CA HIS A 294 -3.31 5.33 6.34
C HIS A 294 -2.43 4.78 5.22
N ASN A 295 -1.14 5.14 5.20
CA ASN A 295 -0.29 4.78 4.07
C ASN A 295 0.04 3.29 4.01
N PHE A 296 -0.31 2.52 5.04
CA PHE A 296 -0.28 1.07 4.90
C PHE A 296 -1.29 0.57 3.85
N TYR A 297 -2.19 1.45 3.42
CA TYR A 297 -3.12 1.12 2.36
C TYR A 297 -2.40 1.03 1.00
N ASN A 298 -1.12 1.40 0.93
CA ASN A 298 -0.39 1.30 -0.33
C ASN A 298 1.10 1.12 -0.09
N SER A 299 1.48 0.06 0.63
CA SER A 299 2.86 -0.09 1.08
C SER A 299 3.15 -1.54 1.39
N PRO A 300 4.35 -2.03 0.97
CA PRO A 300 4.77 -3.38 1.31
C PRO A 300 5.08 -3.54 2.79
N TYR A 301 5.04 -2.46 3.55
CA TYR A 301 5.22 -2.57 4.98
C TYR A 301 3.88 -2.98 5.60
N ASN A 302 2.88 -3.30 4.77
CA ASN A 302 1.55 -3.56 5.29
C ASN A 302 1.48 -4.77 6.22
N VAL A 303 2.54 -5.58 6.29
CA VAL A 303 2.60 -6.68 7.25
C VAL A 303 2.33 -6.17 8.67
N LEU A 304 2.81 -4.97 8.97
CA LEU A 304 2.62 -4.36 10.28
C LEU A 304 1.14 -4.04 10.57
N ALA A 305 0.37 -3.66 9.54
CA ALA A 305 -1.06 -3.43 9.70
C ALA A 305 -1.77 -4.76 10.00
N ILE A 306 -1.39 -5.82 9.29
CA ILE A 306 -1.96 -7.14 9.51
C ILE A 306 -1.70 -7.56 10.97
N GLN A 307 -0.47 -7.36 11.44
CA GLN A 307 -0.13 -7.73 12.80
C GLN A 307 -0.90 -6.86 13.81
N SER A 308 -1.00 -5.57 13.52
CA SER A 308 -1.75 -4.68 14.40
C SER A 308 -3.20 -5.16 14.53
N PHE A 309 -3.85 -5.35 13.38
CA PHE A 309 -5.24 -5.74 13.34
C PHE A 309 -5.48 -7.02 14.17
N ALA A 310 -4.56 -7.99 14.02
CA ALA A 310 -4.70 -9.28 14.66
C ALA A 310 -4.69 -9.13 16.17
N LYS A 311 -3.83 -8.23 16.64
CA LYS A 311 -3.67 -7.95 18.05
C LYS A 311 -4.95 -7.30 18.60
N TRP A 312 -5.57 -6.42 17.80
CA TRP A 312 -6.81 -5.81 18.20
C TRP A 312 -7.95 -6.82 18.20
N PHE A 313 -7.88 -7.78 17.27
CA PHE A 313 -9.00 -8.66 17.06
C PHE A 313 -8.93 -9.81 18.05
N TYR A 314 -7.72 -10.28 18.37
CA TYR A 314 -7.54 -11.46 19.19
C TYR A 314 -6.48 -11.17 20.21
N PRO A 315 -6.76 -10.31 21.22
CA PRO A 315 -5.73 -9.76 22.10
C PRO A 315 -4.99 -10.81 22.90
N GLN A 316 -5.70 -11.91 23.22
CA GLN A 316 -5.12 -13.01 23.99
C GLN A 316 -4.18 -13.83 23.10
N GLN A 317 -4.63 -14.21 21.89
CA GLN A 317 -3.85 -15.04 20.99
C GLN A 317 -2.54 -14.35 20.61
N PHE A 318 -2.54 -13.01 20.60
CA PHE A 318 -1.36 -12.25 20.16
C PHE A 318 -0.80 -11.39 21.30
N ALA A 319 -0.89 -11.91 22.55
CA ALA A 319 -0.33 -11.27 23.72
C ALA A 319 1.15 -10.95 23.50
N ASP A 320 1.93 -11.94 23.05
CA ASP A 320 3.38 -11.78 22.89
C ASP A 320 3.75 -11.19 21.52
N LEU A 321 2.80 -10.98 20.59
CA LEU A 321 3.17 -10.37 19.32
C LEU A 321 3.34 -8.87 19.53
N ASP A 322 4.43 -8.31 19.01
CA ASP A 322 4.69 -6.88 19.16
C ASP A 322 5.03 -6.26 17.83
N PRO A 323 4.07 -5.62 17.12
CA PRO A 323 4.38 -5.01 15.83
C PRO A 323 5.48 -3.95 15.86
N ASN A 324 5.71 -3.30 17.02
CA ASN A 324 6.78 -2.31 17.16
C ASN A 324 8.13 -3.01 17.00
N ASN A 325 8.22 -4.24 17.50
CA ASN A 325 9.39 -5.09 17.34
C ASN A 325 9.54 -5.48 15.87
N THR A 326 8.43 -5.88 15.24
CA THR A 326 8.47 -6.28 13.84
C THR A 326 9.02 -5.12 13.01
N MET A 327 8.51 -3.91 13.31
CA MET A 327 8.89 -2.69 12.60
C MET A 327 10.38 -2.39 12.82
N ASN A 328 10.83 -2.57 14.06
CA ASN A 328 12.22 -2.36 14.38
C ASN A 328 13.07 -3.27 13.50
N SER A 329 12.68 -4.54 13.35
CA SER A 329 13.48 -5.48 12.57
C SER A 329 13.52 -5.06 11.11
N LEU A 330 12.37 -4.60 10.60
CA LEU A 330 12.30 -4.18 9.21
C LEU A 330 13.28 -3.04 8.99
N TYR A 331 13.29 -2.05 9.89
CA TYR A 331 14.15 -0.89 9.72
C TYR A 331 15.61 -1.36 9.80
N SER A 332 15.96 -2.14 10.83
CA SER A 332 17.33 -2.62 11.03
C SER A 332 17.87 -3.30 9.78
N GLN A 333 17.09 -4.19 9.19
CA GLN A 333 17.56 -5.02 8.10
C GLN A 333 17.57 -4.27 6.77
N PHE A 334 16.66 -3.31 6.55
CA PHE A 334 16.38 -2.86 5.17
C PHE A 334 16.55 -1.36 4.99
N LEU A 335 16.49 -0.57 6.05
CA LEU A 335 16.29 0.86 5.90
C LEU A 335 17.45 1.69 6.45
N ALA A 336 17.57 2.91 5.96
CA ALA A 336 18.64 3.82 6.33
C ALA A 336 18.20 4.87 7.35
N ILE A 337 16.99 4.73 7.87
CA ILE A 337 16.55 5.57 8.96
C ILE A 337 16.09 4.70 10.12
N GLU A 338 15.98 5.31 11.29
CA GLU A 338 15.52 4.64 12.49
C GLU A 338 13.99 4.72 12.55
N PRO A 339 13.31 3.71 13.12
CA PRO A 339 11.87 3.80 13.32
C PRO A 339 11.53 4.77 14.46
N THR A 340 10.61 5.70 14.18
CA THR A 340 10.13 6.62 15.19
C THR A 340 8.62 6.73 15.07
N GLY A 341 7.99 7.24 16.13
CA GLY A 341 6.62 7.72 16.06
C GLY A 341 5.64 6.56 16.27
N THR A 342 4.39 6.79 15.84
CA THR A 342 3.29 5.89 16.16
C THR A 342 2.48 5.66 14.89
N TYR A 343 2.30 4.38 14.59
CA TYR A 343 1.66 3.90 13.36
C TYR A 343 0.37 3.15 13.63
N TRP A 344 0.05 2.94 14.90
CA TRP A 344 -1.18 2.35 15.36
C TRP A 344 -1.45 2.80 16.79
N VAL A 345 -2.73 2.81 17.16
CA VAL A 345 -3.13 3.31 18.46
C VAL A 345 -4.45 2.65 18.89
N ASP A 346 -4.54 2.35 20.19
CA ASP A 346 -5.78 2.00 20.86
C ASP A 346 -6.36 3.20 21.57
N SER A 347 -7.69 3.20 21.76
CA SER A 347 -8.37 3.94 22.81
C SER A 347 -7.81 3.43 24.16
N ILE B 4 -49.88 -14.09 -14.77
CA ILE B 4 -48.77 -13.50 -15.60
C ILE B 4 -47.45 -14.10 -15.15
N THR B 5 -46.63 -14.48 -16.14
CA THR B 5 -45.30 -15.00 -15.90
C THR B 5 -44.30 -13.89 -16.18
N ASP B 6 -43.38 -13.64 -15.23
CA ASP B 6 -42.29 -12.69 -15.41
C ASP B 6 -41.10 -13.37 -16.10
N MET B 7 -40.03 -12.62 -16.37
CA MET B 7 -38.94 -13.14 -17.19
C MET B 7 -38.06 -14.10 -16.39
N ALA B 8 -38.27 -14.23 -15.08
CA ALA B 8 -37.64 -15.29 -14.32
C ALA B 8 -38.52 -16.52 -14.34
N GLY B 9 -39.64 -16.44 -15.07
CA GLY B 9 -40.58 -17.53 -15.14
C GLY B 9 -41.39 -17.66 -13.84
N ARG B 10 -41.39 -16.61 -13.03
CA ARG B 10 -42.12 -16.61 -11.77
C ARG B 10 -43.52 -16.08 -12.05
N SER B 11 -44.50 -16.75 -11.42
CA SER B 11 -45.89 -16.35 -11.48
C SER B 11 -46.11 -15.16 -10.55
N VAL B 12 -46.69 -14.06 -11.05
CA VAL B 12 -46.72 -12.84 -10.25
C VAL B 12 -48.13 -12.34 -10.00
N VAL B 13 -48.29 -11.82 -8.79
CA VAL B 13 -49.54 -11.25 -8.29
C VAL B 13 -49.59 -9.77 -8.66
N ILE B 14 -50.70 -9.34 -9.29
CA ILE B 14 -50.93 -7.95 -9.65
C ILE B 14 -51.71 -7.23 -8.54
N PRO B 15 -51.15 -6.18 -7.87
CA PRO B 15 -51.91 -5.36 -6.95
C PRO B 15 -52.96 -4.54 -7.66
N ALA B 16 -54.08 -4.25 -6.98
CA ALA B 16 -55.22 -3.65 -7.65
C ALA B 16 -55.02 -2.15 -7.78
N LYS B 17 -54.22 -1.58 -6.86
CA LYS B 17 -53.85 -0.18 -6.91
C LYS B 17 -52.32 -0.13 -6.90
N VAL B 18 -51.77 0.53 -7.93
CA VAL B 18 -50.34 0.75 -8.00
C VAL B 18 -50.09 2.24 -8.14
N GLU B 19 -49.65 2.83 -7.04
CA GLU B 19 -49.35 4.24 -6.96
C GLU B 19 -47.89 4.46 -6.58
N ARG B 20 -47.21 3.40 -6.12
CA ARG B 20 -45.89 3.51 -5.53
C ARG B 20 -45.01 2.37 -6.05
N ILE B 21 -44.05 2.72 -6.92
CA ILE B 21 -43.25 1.73 -7.63
C ILE B 21 -41.80 1.85 -7.17
N LEU B 22 -41.23 0.77 -6.69
CA LEU B 22 -39.79 0.70 -6.46
C LEU B 22 -39.07 0.14 -7.68
N LEU B 23 -38.10 0.91 -8.21
CA LEU B 23 -37.21 0.39 -9.23
C LEU B 23 -35.94 -0.14 -8.59
N GLY B 24 -35.62 -1.41 -8.89
CA GLY B 24 -34.25 -1.86 -8.68
C GLY B 24 -33.33 -0.94 -9.48
N GLU B 25 -32.80 -1.48 -10.55
CA GLU B 25 -31.95 -0.75 -11.45
C GLU B 25 -32.69 0.48 -12.01
N GLY B 26 -32.06 1.64 -11.83
CA GLY B 26 -32.67 2.91 -12.15
C GLY B 26 -33.02 3.03 -13.63
N ARG B 27 -32.22 2.40 -14.48
CA ARG B 27 -32.40 2.47 -15.93
C ARG B 27 -33.66 1.72 -16.37
N LEU B 28 -34.26 0.91 -15.48
CA LEU B 28 -35.61 0.37 -15.72
C LEU B 28 -36.63 1.48 -15.95
N PHE B 29 -36.25 2.71 -15.58
CA PHE B 29 -37.06 3.88 -15.83
C PHE B 29 -37.31 4.04 -17.35
N TYR B 30 -36.38 3.60 -18.19
CA TYR B 30 -36.59 3.75 -19.62
C TYR B 30 -37.90 3.05 -20.00
N ALA B 31 -38.12 1.87 -19.43
CA ALA B 31 -39.31 1.10 -19.71
C ALA B 31 -40.56 1.75 -19.12
N VAL B 32 -40.49 2.11 -17.83
CA VAL B 32 -41.63 2.66 -17.10
C VAL B 32 -42.10 3.96 -17.74
N SER B 33 -41.16 4.73 -18.27
CA SER B 33 -41.45 6.04 -18.86
C SER B 33 -42.44 5.89 -20.01
N LEU B 34 -42.37 4.78 -20.72
CA LEU B 34 -43.24 4.54 -21.90
C LEU B 34 -44.70 4.31 -21.49
N LEU B 35 -44.96 4.24 -20.21
CA LEU B 35 -46.32 3.90 -19.73
C LEU B 35 -46.91 5.06 -18.91
N GLU B 36 -46.08 6.02 -18.52
CA GLU B 36 -46.51 7.04 -17.59
C GLU B 36 -46.90 8.37 -18.25
N GLY B 37 -46.97 8.40 -19.59
CA GLY B 37 -47.39 9.60 -20.31
C GLY B 37 -46.69 10.86 -19.79
N GLN B 38 -47.50 11.87 -19.43
CA GLN B 38 -46.96 13.17 -19.04
C GLN B 38 -46.55 13.21 -17.58
N LYS B 39 -46.72 12.11 -16.83
CA LYS B 39 -46.43 12.06 -15.40
C LYS B 39 -45.35 11.00 -15.14
N PRO B 40 -44.13 11.14 -15.68
CA PRO B 40 -43.12 10.08 -15.58
C PRO B 40 -42.73 9.64 -14.17
N PHE B 41 -42.70 10.59 -13.22
CA PHE B 41 -42.11 10.35 -11.91
C PHE B 41 -43.16 10.12 -10.83
N ASP B 42 -44.44 10.38 -11.13
CA ASP B 42 -45.46 10.43 -10.09
C ASP B 42 -45.59 9.13 -9.31
N ARG B 43 -45.18 7.98 -9.87
CA ARG B 43 -45.39 6.74 -9.15
C ARG B 43 -44.06 6.11 -8.70
N ILE B 44 -42.91 6.75 -8.97
CA ILE B 44 -41.63 6.15 -8.64
C ILE B 44 -41.23 6.62 -7.23
N VAL B 45 -41.08 5.68 -6.28
CA VAL B 45 -40.80 6.04 -4.89
C VAL B 45 -39.32 5.75 -4.56
N GLY B 46 -38.62 5.00 -5.40
CA GLY B 46 -37.22 4.75 -5.13
C GLY B 46 -36.55 4.03 -6.28
N TRP B 47 -35.24 4.28 -6.49
CA TRP B 47 -34.46 3.58 -7.48
C TRP B 47 -32.98 3.53 -7.12
N GLN B 48 -32.31 2.55 -7.72
CA GLN B 48 -30.88 2.49 -7.73
C GLN B 48 -30.41 3.66 -8.59
N GLY B 49 -29.19 4.09 -8.28
CA GLY B 49 -28.66 5.37 -8.75
C GLY B 49 -28.12 5.35 -10.17
N ASP B 50 -28.29 4.25 -10.90
CA ASP B 50 -27.60 4.06 -12.17
C ASP B 50 -28.15 4.97 -13.26
N PHE B 51 -29.41 5.38 -13.18
CA PHE B 51 -29.96 6.28 -14.19
C PHE B 51 -29.44 7.69 -13.95
N ARG B 52 -29.43 8.10 -12.69
CA ARG B 52 -29.00 9.45 -12.33
C ARG B 52 -27.49 9.62 -12.52
N LYS B 53 -26.72 8.59 -12.16
CA LYS B 53 -25.27 8.69 -12.18
C LYS B 53 -24.69 8.29 -13.54
N LEU B 54 -25.26 7.27 -14.21
CA LEU B 54 -24.69 6.76 -15.46
C LEU B 54 -25.46 7.28 -16.68
N ASP B 55 -26.59 7.97 -16.53
CA ASP B 55 -27.18 8.60 -17.69
C ASP B 55 -27.54 10.04 -17.32
N THR B 56 -26.46 10.82 -17.06
CA THR B 56 -26.54 12.17 -16.56
C THR B 56 -27.30 13.01 -17.57
N GLN B 57 -27.13 12.71 -18.84
CA GLN B 57 -27.73 13.54 -19.87
C GLN B 57 -29.24 13.37 -19.91
N THR B 58 -29.75 12.13 -19.89
CA THR B 58 -31.19 11.91 -19.92
C THR B 58 -31.77 12.44 -18.60
N TYR B 59 -31.08 12.15 -17.49
CA TYR B 59 -31.54 12.64 -16.20
C TYR B 59 -31.69 14.16 -16.27
N ALA B 60 -30.66 14.84 -16.79
CA ALA B 60 -30.61 16.30 -16.80
C ALA B 60 -31.80 16.88 -17.55
N VAL B 61 -32.21 16.23 -18.65
CA VAL B 61 -33.30 16.74 -19.46
C VAL B 61 -34.60 16.60 -18.69
N TYR B 62 -34.78 15.48 -18.00
CA TYR B 62 -35.95 15.26 -17.16
C TYR B 62 -35.96 16.27 -16.01
N LYS B 63 -34.81 16.50 -15.35
CA LYS B 63 -34.73 17.41 -14.21
C LYS B 63 -35.12 18.84 -14.60
N ALA B 64 -34.79 19.25 -15.83
CA ALA B 64 -35.16 20.55 -16.35
C ALA B 64 -36.66 20.75 -16.28
N LYS B 65 -37.44 19.70 -16.60
CA LYS B 65 -38.88 19.87 -16.70
C LYS B 65 -39.57 19.39 -15.43
N PHE B 66 -38.92 18.48 -14.70
CA PHE B 66 -39.52 17.81 -13.55
C PHE B 66 -38.49 17.81 -12.42
N PRO B 67 -38.23 18.98 -11.80
CA PRO B 67 -37.23 19.06 -10.71
C PRO B 67 -37.43 18.07 -9.57
N GLN B 68 -38.66 17.60 -9.36
CA GLN B 68 -38.97 16.61 -8.32
C GLN B 68 -38.04 15.40 -8.39
N VAL B 69 -37.52 15.15 -9.59
CA VAL B 69 -36.76 13.94 -9.85
C VAL B 69 -35.64 13.78 -8.82
N ASP B 70 -35.09 14.92 -8.37
CA ASP B 70 -34.00 14.93 -7.41
C ASP B 70 -34.45 14.45 -6.03
N ASN B 71 -35.76 14.34 -5.80
CA ASN B 71 -36.27 13.90 -4.51
C ASN B 71 -36.47 12.39 -4.46
N ILE B 72 -36.30 11.68 -5.59
CA ILE B 72 -36.55 10.24 -5.54
C ILE B 72 -35.37 9.59 -4.81
N PRO B 73 -35.62 8.89 -3.69
CA PRO B 73 -34.53 8.24 -2.95
C PRO B 73 -33.66 7.34 -3.81
N LEU B 74 -32.37 7.30 -3.48
CA LEU B 74 -31.44 6.41 -4.16
C LEU B 74 -31.12 5.20 -3.28
N ILE B 75 -31.34 3.99 -3.84
CA ILE B 75 -31.23 2.77 -3.06
C ILE B 75 -29.82 2.18 -3.19
N GLY B 76 -29.13 2.06 -2.05
CA GLY B 76 -27.77 1.54 -1.99
C GLY B 76 -27.12 1.94 -0.66
N ASN B 77 -25.83 1.65 -0.52
CA ASN B 77 -25.13 1.80 0.75
C ASN B 77 -23.99 2.81 0.68
N THR B 78 -23.85 3.52 -0.45
CA THR B 78 -22.78 4.49 -0.61
C THR B 78 -23.27 5.83 -0.09
N THR B 79 -22.35 6.79 -0.05
CA THR B 79 -22.67 8.15 0.39
C THR B 79 -23.58 8.83 -0.61
N ALA B 80 -23.55 8.41 -1.87
CA ALA B 80 -24.42 8.96 -2.90
C ALA B 80 -25.85 8.44 -2.75
N ASP B 81 -26.06 7.44 -1.88
CA ASP B 81 -27.35 6.78 -1.77
C ASP B 81 -28.03 7.29 -0.51
N SER B 82 -29.37 7.27 -0.50
CA SER B 82 -30.09 7.86 0.62
C SER B 82 -30.90 6.81 1.37
N ILE B 83 -30.98 5.57 0.87
CA ILE B 83 -31.77 4.57 1.57
C ILE B 83 -31.26 3.18 1.23
N SER B 84 -30.99 2.39 2.27
CA SER B 84 -30.36 1.10 2.04
C SER B 84 -31.45 0.09 1.63
N PRO B 85 -31.10 -0.98 0.90
CA PRO B 85 -32.10 -1.94 0.45
C PRO B 85 -33.02 -2.41 1.56
N GLU B 86 -32.47 -2.69 2.75
CA GLU B 86 -33.18 -3.36 3.85
C GLU B 86 -34.35 -2.51 4.38
N LYS B 87 -34.42 -1.23 4.01
CA LYS B 87 -35.37 -0.31 4.62
C LYS B 87 -36.31 0.28 3.58
N VAL B 88 -36.31 -0.27 2.35
CA VAL B 88 -37.08 0.30 1.25
C VAL B 88 -38.59 0.19 1.51
N LEU B 89 -39.03 -0.73 2.38
CA LEU B 89 -40.43 -0.83 2.76
C LEU B 89 -40.92 0.46 3.43
N THR B 90 -40.03 1.29 3.97
CA THR B 90 -40.44 2.58 4.52
C THR B 90 -41.02 3.52 3.45
N LEU B 91 -40.83 3.18 2.18
CA LEU B 91 -41.26 4.04 1.09
C LEU B 91 -42.68 3.63 0.68
N ASN B 92 -43.20 2.58 1.32
CA ASN B 92 -44.53 2.05 1.04
C ASN B 92 -44.70 1.83 -0.46
N PRO B 93 -43.94 0.89 -1.06
CA PRO B 93 -44.14 0.52 -2.45
C PRO B 93 -45.29 -0.46 -2.60
N ASP B 94 -46.05 -0.33 -3.67
CA ASP B 94 -47.06 -1.30 -4.04
C ASP B 94 -46.41 -2.47 -4.76
N ILE B 95 -45.26 -2.22 -5.41
CA ILE B 95 -44.65 -3.21 -6.31
C ILE B 95 -43.18 -2.88 -6.53
N ALA B 96 -42.38 -3.91 -6.84
CA ALA B 96 -40.97 -3.71 -7.16
C ALA B 96 -40.67 -4.33 -8.51
N ILE B 97 -39.93 -3.59 -9.34
CA ILE B 97 -39.52 -4.04 -10.65
C ILE B 97 -38.00 -4.19 -10.63
N PHE B 98 -37.50 -5.37 -11.02
CA PHE B 98 -36.08 -5.68 -10.99
C PHE B 98 -35.64 -6.25 -12.33
N GLY B 99 -34.31 -6.21 -12.56
CA GLY B 99 -33.68 -6.77 -13.75
C GLY B 99 -33.20 -8.20 -13.52
N LEU B 100 -33.16 -8.99 -14.59
CA LEU B 100 -32.73 -10.38 -14.52
C LEU B 100 -31.21 -10.42 -14.49
N SER B 101 -30.57 -9.37 -14.99
CA SER B 101 -29.18 -9.43 -15.40
C SER B 101 -28.19 -9.20 -14.24
N GLY B 102 -28.70 -9.04 -13.03
CA GLY B 102 -27.82 -8.91 -11.88
C GLY B 102 -27.22 -7.51 -11.70
N HIS B 103 -27.72 -6.50 -12.41
CA HIS B 103 -27.16 -5.16 -12.29
C HIS B 103 -27.93 -4.35 -11.26
N GLY B 104 -28.72 -5.03 -10.40
CA GLY B 104 -29.55 -4.31 -9.45
C GLY B 104 -29.65 -5.04 -8.12
N PRO B 105 -30.28 -4.41 -7.09
CA PRO B 105 -30.51 -5.06 -5.80
C PRO B 105 -31.46 -6.27 -5.90
N GLY B 106 -32.07 -6.49 -7.07
CA GLY B 106 -32.77 -7.74 -7.34
C GLY B 106 -31.83 -8.93 -7.45
N LYS B 107 -30.51 -8.71 -7.44
CA LYS B 107 -29.58 -9.83 -7.32
C LYS B 107 -29.58 -10.34 -5.87
N ASN B 108 -30.40 -9.74 -5.01
CA ASN B 108 -30.45 -10.11 -3.61
C ASN B 108 -31.74 -10.90 -3.33
N SER B 109 -31.59 -12.20 -3.08
CA SER B 109 -32.73 -13.05 -2.82
C SER B 109 -33.39 -12.65 -1.49
N GLU B 110 -32.59 -12.25 -0.50
CA GLU B 110 -33.13 -11.90 0.82
C GLU B 110 -34.08 -10.71 0.68
N LEU B 111 -33.69 -9.75 -0.17
CA LEU B 111 -34.46 -8.55 -0.44
C LEU B 111 -35.78 -8.94 -1.07
N VAL B 112 -35.74 -9.84 -2.07
CA VAL B 112 -36.95 -10.26 -2.77
C VAL B 112 -37.92 -10.94 -1.81
N LYS B 113 -37.38 -11.82 -0.95
CA LYS B 113 -38.20 -12.54 0.02
C LYS B 113 -38.84 -11.55 1.00
N GLN B 114 -38.02 -10.63 1.53
CA GLN B 114 -38.48 -9.63 2.49
C GLN B 114 -39.67 -8.86 1.93
N LEU B 115 -39.58 -8.46 0.63
CA LEU B 115 -40.59 -7.63 -0.02
C LEU B 115 -41.86 -8.44 -0.27
N GLU B 116 -41.68 -9.65 -0.81
CA GLU B 116 -42.81 -10.51 -1.11
C GLU B 116 -43.53 -10.91 0.18
N LYS B 117 -42.79 -11.12 1.28
CA LYS B 117 -43.40 -11.53 2.53
C LYS B 117 -44.15 -10.36 3.17
N ALA B 118 -43.89 -9.11 2.72
CA ALA B 118 -44.63 -7.95 3.19
C ALA B 118 -45.77 -7.57 2.22
N GLY B 119 -46.08 -8.46 1.26
CA GLY B 119 -47.20 -8.24 0.36
C GLY B 119 -46.86 -7.25 -0.75
N VAL B 120 -45.57 -7.04 -1.03
CA VAL B 120 -45.15 -6.22 -2.16
C VAL B 120 -44.66 -7.16 -3.24
N PRO B 121 -45.39 -7.34 -4.36
CA PRO B 121 -44.91 -8.23 -5.41
C PRO B 121 -43.64 -7.71 -6.08
N VAL B 122 -42.79 -8.66 -6.49
CA VAL B 122 -41.54 -8.40 -7.19
C VAL B 122 -41.65 -9.01 -8.58
N VAL B 123 -41.35 -8.22 -9.61
CA VAL B 123 -41.48 -8.66 -11.00
C VAL B 123 -40.11 -8.49 -11.69
N PHE B 124 -39.64 -9.56 -12.35
CA PHE B 124 -38.37 -9.50 -13.06
C PHE B 124 -38.66 -9.21 -14.53
N VAL B 125 -37.93 -8.24 -15.10
CA VAL B 125 -37.91 -8.05 -16.55
C VAL B 125 -36.46 -8.11 -17.05
N ASP B 126 -36.27 -8.00 -18.37
CA ASP B 126 -34.95 -8.09 -18.97
C ASP B 126 -34.89 -7.36 -20.31
N PHE B 127 -34.00 -6.36 -20.44
CA PHE B 127 -33.69 -5.77 -21.74
C PHE B 127 -32.21 -5.97 -22.06
N ARG B 128 -31.50 -6.66 -21.18
CA ARG B 128 -30.03 -6.70 -21.33
C ARG B 128 -29.49 -8.04 -21.82
N THR B 129 -29.84 -9.14 -21.17
CA THR B 129 -29.15 -10.35 -21.54
C THR B 129 -29.78 -10.95 -22.80
N SER B 130 -31.12 -10.95 -22.94
CA SER B 130 -31.77 -11.45 -24.16
C SER B 130 -32.83 -10.48 -24.66
N PRO B 131 -32.43 -9.30 -25.17
CA PRO B 131 -33.40 -8.29 -25.64
C PRO B 131 -34.38 -8.78 -26.71
N LEU B 132 -33.92 -9.64 -27.61
CA LEU B 132 -34.76 -10.13 -28.68
C LEU B 132 -35.88 -10.96 -28.07
N LYS B 133 -35.54 -11.88 -27.15
CA LYS B 133 -36.54 -12.71 -26.49
C LYS B 133 -37.41 -11.90 -25.52
N ASN B 134 -36.81 -10.94 -24.78
CA ASN B 134 -37.41 -10.46 -23.55
C ASN B 134 -37.96 -9.03 -23.63
N THR B 135 -37.64 -8.25 -24.67
CA THR B 135 -38.01 -6.84 -24.67
C THR B 135 -39.52 -6.71 -24.61
N LEU B 136 -40.22 -7.33 -25.57
CA LEU B 136 -41.66 -7.13 -25.69
C LEU B 136 -42.41 -7.88 -24.60
N PRO B 137 -42.09 -9.16 -24.27
CA PRO B 137 -42.70 -9.78 -23.11
C PRO B 137 -42.53 -8.95 -21.83
N SER B 138 -41.37 -8.28 -21.68
CA SER B 138 -41.12 -7.43 -20.52
C SER B 138 -42.15 -6.30 -20.50
N MET B 139 -42.34 -5.67 -21.65
CA MET B 139 -43.27 -4.54 -21.75
C MET B 139 -44.70 -4.99 -21.49
N ARG B 140 -45.07 -6.19 -21.95
CA ARG B 140 -46.42 -6.68 -21.78
C ARG B 140 -46.69 -6.85 -20.28
N VAL B 141 -45.77 -7.60 -19.63
CA VAL B 141 -45.83 -7.82 -18.20
C VAL B 141 -45.93 -6.48 -17.47
N LEU B 142 -45.11 -5.50 -17.88
CA LEU B 142 -45.11 -4.22 -17.17
C LEU B 142 -46.47 -3.53 -17.33
N GLY B 143 -47.04 -3.56 -18.54
CA GLY B 143 -48.36 -2.97 -18.76
C GLY B 143 -49.41 -3.56 -17.82
N LYS B 144 -49.29 -4.86 -17.56
CA LYS B 144 -50.25 -5.56 -16.73
C LYS B 144 -50.05 -5.21 -15.26
N VAL B 145 -48.81 -5.25 -14.77
CA VAL B 145 -48.60 -5.15 -13.33
C VAL B 145 -48.64 -3.68 -12.90
N LEU B 146 -48.47 -2.73 -13.84
CA LEU B 146 -48.48 -1.31 -13.53
C LEU B 146 -49.75 -0.61 -14.02
N HIS B 147 -50.70 -1.39 -14.55
CA HIS B 147 -52.00 -0.91 -14.99
C HIS B 147 -51.89 0.13 -16.10
N ARG B 148 -51.11 -0.20 -17.14
CA ARG B 148 -50.91 0.70 -18.30
C ARG B 148 -50.83 -0.19 -19.55
N GLU B 149 -51.79 -1.11 -19.69
CA GLU B 149 -51.77 -2.09 -20.80
C GLU B 149 -51.98 -1.40 -22.17
N GLN B 150 -52.80 -0.36 -22.24
CA GLN B 150 -52.99 0.39 -23.51
C GLN B 150 -51.64 0.93 -23.99
N GLN B 151 -50.92 1.60 -23.11
CA GLN B 151 -49.62 2.22 -23.45
C GLN B 151 -48.63 1.12 -23.85
N ALA B 152 -48.58 0.06 -23.05
CA ALA B 152 -47.70 -1.08 -23.34
C ALA B 152 -48.01 -1.68 -24.71
N ASN B 153 -49.28 -1.99 -25.00
CA ASN B 153 -49.65 -2.69 -26.26
C ASN B 153 -49.39 -1.78 -27.46
N ASP B 154 -49.60 -0.48 -27.29
CA ASP B 154 -49.31 0.49 -28.37
C ASP B 154 -47.80 0.54 -28.61
N TYR B 155 -47.01 0.51 -27.54
CA TYR B 155 -45.55 0.48 -27.71
C TYR B 155 -45.19 -0.83 -28.37
N ILE B 156 -45.82 -1.92 -27.94
CA ILE B 156 -45.51 -3.19 -28.56
C ILE B 156 -45.84 -3.15 -30.05
N LYS B 157 -46.98 -2.60 -30.44
CA LYS B 157 -47.34 -2.49 -31.85
C LYS B 157 -46.30 -1.64 -32.59
N PHE B 158 -45.98 -0.51 -31.98
CA PHE B 158 -45.07 0.44 -32.59
C PHE B 158 -43.70 -0.21 -32.78
N TYR B 159 -43.21 -0.92 -31.74
CA TYR B 159 -41.92 -1.56 -31.79
C TYR B 159 -41.93 -2.69 -32.84
N GLU B 160 -42.96 -3.54 -32.83
CA GLU B 160 -43.08 -4.58 -33.83
C GLU B 160 -43.01 -3.98 -35.23
N ASP B 161 -43.86 -2.99 -35.51
CA ASP B 161 -43.88 -2.38 -36.83
C ASP B 161 -42.47 -1.95 -37.22
N ASN B 162 -41.77 -1.30 -36.29
CA ASN B 162 -40.53 -0.63 -36.63
C ASN B 162 -39.39 -1.64 -36.75
N VAL B 163 -39.52 -2.78 -36.06
CA VAL B 163 -38.54 -3.85 -36.20
C VAL B 163 -38.79 -4.60 -37.53
N ARG B 164 -40.05 -4.86 -37.85
CA ARG B 164 -40.44 -5.57 -39.06
C ARG B 164 -39.88 -4.89 -40.31
N LYS B 165 -39.88 -3.54 -40.29
CA LYS B 165 -39.43 -2.79 -41.46
C LYS B 165 -38.03 -3.25 -41.82
N VAL B 166 -37.27 -3.65 -40.79
CA VAL B 166 -35.93 -4.15 -40.96
C VAL B 166 -35.95 -5.62 -41.33
N THR B 167 -36.59 -6.46 -40.50
CA THR B 167 -36.39 -7.91 -40.57
C THR B 167 -37.11 -8.53 -41.78
N GLU B 168 -38.15 -7.88 -42.29
CA GLU B 168 -38.81 -8.33 -43.51
C GLU B 168 -37.78 -8.27 -44.65
N ILE B 169 -36.76 -7.41 -44.51
CA ILE B 169 -35.68 -7.36 -45.48
C ILE B 169 -34.49 -8.20 -45.02
N THR B 170 -34.05 -8.08 -43.77
CA THR B 170 -32.78 -8.69 -43.39
C THR B 170 -32.93 -10.21 -43.27
N SER B 171 -34.15 -10.73 -43.05
CA SER B 171 -34.33 -12.17 -42.91
C SER B 171 -34.13 -12.89 -44.24
N LYS B 172 -34.29 -12.17 -45.37
CA LYS B 172 -34.10 -12.73 -46.70
C LYS B 172 -32.68 -12.58 -47.25
N ILE B 173 -31.73 -12.13 -46.42
CA ILE B 173 -30.35 -11.98 -46.83
C ILE B 173 -29.59 -13.24 -46.45
N PRO B 174 -28.93 -13.90 -47.41
CA PRO B 174 -28.12 -15.09 -47.10
C PRO B 174 -26.89 -14.75 -46.26
N ALA B 175 -26.53 -15.66 -45.35
CA ALA B 175 -25.43 -15.45 -44.43
C ALA B 175 -24.14 -14.96 -45.14
N ASP B 176 -23.80 -15.54 -46.28
CA ASP B 176 -22.51 -15.30 -46.89
C ASP B 176 -22.46 -13.86 -47.43
N LYS B 177 -23.63 -13.24 -47.60
CA LYS B 177 -23.74 -11.88 -48.14
C LYS B 177 -23.75 -10.82 -47.02
N LYS B 178 -23.66 -11.25 -45.76
CA LYS B 178 -23.83 -10.37 -44.61
C LYS B 178 -22.48 -9.85 -44.15
N PRO B 179 -22.38 -8.54 -43.81
CA PRO B 179 -21.15 -8.00 -43.30
C PRO B 179 -20.84 -8.60 -41.93
N SER B 180 -19.55 -8.89 -41.67
CA SER B 180 -19.09 -9.23 -40.33
C SER B 180 -18.99 -7.95 -39.50
N VAL B 181 -19.28 -8.05 -38.19
CA VAL B 181 -19.45 -6.88 -37.34
C VAL B 181 -18.82 -7.15 -35.99
N PHE B 182 -18.12 -6.14 -35.46
CA PHE B 182 -17.65 -6.16 -34.08
C PHE B 182 -18.17 -4.91 -33.40
N ILE B 183 -18.82 -5.08 -32.25
CA ILE B 183 -19.18 -3.94 -31.41
C ILE B 183 -18.28 -3.93 -30.17
N GLU B 184 -17.64 -2.78 -29.98
CA GLU B 184 -16.84 -2.55 -28.75
C GLU B 184 -17.71 -1.74 -27.78
N LEU B 185 -18.22 -2.39 -26.75
CA LEU B 185 -19.03 -1.74 -25.73
C LEU B 185 -18.17 -0.83 -24.86
N ARG B 186 -18.65 0.41 -24.67
CA ARG B 186 -18.00 1.39 -23.81
C ARG B 186 -16.56 1.58 -24.27
N ALA B 187 -16.38 1.72 -25.60
CA ALA B 187 -15.05 1.87 -26.16
C ALA B 187 -14.28 2.98 -25.45
N GLY B 188 -13.08 2.63 -24.99
CA GLY B 188 -12.16 3.58 -24.38
C GLY B 188 -12.24 3.55 -22.86
N ALA B 189 -13.25 2.87 -22.32
CA ALA B 189 -13.59 2.92 -20.90
C ALA B 189 -12.45 2.42 -20.01
N MET B 190 -11.89 1.23 -20.28
CA MET B 190 -10.58 0.87 -19.76
C MET B 190 -10.47 -0.63 -19.45
N GLU B 191 -9.33 -1.05 -18.91
CA GLU B 191 -9.08 -2.47 -18.58
C GLU B 191 -8.75 -3.18 -19.90
N GLU B 192 -7.85 -2.59 -20.67
CA GLU B 192 -7.43 -3.21 -21.95
C GLU B 192 -8.61 -3.06 -22.91
N CYS B 193 -8.75 -3.98 -23.84
CA CYS B 193 -9.78 -3.67 -24.83
C CYS B 193 -10.63 -4.79 -25.37
N CYS B 194 -11.84 -4.40 -25.77
CA CYS B 194 -12.78 -5.24 -26.54
C CYS B 194 -13.83 -5.88 -25.65
N GLY B 195 -14.48 -5.06 -24.83
CA GLY B 195 -15.72 -5.52 -24.19
C GLY B 195 -16.74 -5.55 -25.34
N THR B 196 -17.59 -6.57 -25.42
CA THR B 196 -18.52 -6.76 -26.53
C THR B 196 -19.74 -7.57 -26.10
N ALA B 197 -20.64 -7.78 -27.06
CA ALA B 197 -21.78 -8.66 -26.88
C ALA B 197 -21.64 -9.88 -27.79
N GLY B 198 -22.08 -11.04 -27.29
CA GLY B 198 -22.01 -12.28 -28.04
C GLY B 198 -23.40 -12.82 -28.33
N LYS B 199 -23.80 -13.86 -27.60
CA LYS B 199 -25.07 -14.51 -27.81
C LYS B 199 -26.16 -13.80 -26.99
N GLY B 200 -26.50 -12.57 -27.41
CA GLY B 200 -27.44 -11.73 -26.68
C GLY B 200 -26.96 -10.30 -26.59
N ASN B 201 -27.57 -9.52 -25.68
CA ASN B 201 -27.37 -8.09 -25.61
C ASN B 201 -27.42 -7.49 -27.02
N MET B 202 -26.46 -6.64 -27.38
CA MET B 202 -26.51 -5.90 -28.63
C MET B 202 -26.27 -6.83 -29.82
N GLY B 203 -25.71 -8.01 -29.55
CA GLY B 203 -25.65 -9.10 -30.52
C GLY B 203 -27.00 -9.37 -31.19
N ASP B 204 -28.08 -9.34 -30.40
CA ASP B 204 -29.42 -9.57 -30.92
C ASP B 204 -29.77 -8.54 -31.98
N PHE B 205 -29.31 -7.30 -31.80
CA PHE B 205 -29.59 -6.20 -32.72
C PHE B 205 -28.79 -6.38 -34.00
N ILE B 206 -27.52 -6.82 -33.84
CA ILE B 206 -26.72 -7.18 -34.99
C ILE B 206 -27.45 -8.25 -35.80
N ASP B 207 -27.92 -9.28 -35.11
CA ASP B 207 -28.58 -10.42 -35.75
C ASP B 207 -29.78 -9.91 -36.53
N GLN B 208 -30.66 -9.16 -35.87
CA GLN B 208 -31.91 -8.71 -36.49
C GLN B 208 -31.63 -7.76 -37.65
N ALA B 209 -30.52 -7.01 -37.60
CA ALA B 209 -30.18 -6.04 -38.63
C ALA B 209 -29.44 -6.67 -39.82
N GLY B 210 -29.33 -8.00 -39.84
CA GLY B 210 -28.72 -8.69 -40.96
C GLY B 210 -27.20 -8.69 -40.90
N GLY B 211 -26.65 -8.48 -39.71
CA GLY B 211 -25.21 -8.51 -39.54
C GLY B 211 -24.75 -9.87 -39.02
N ASN B 212 -23.44 -10.07 -39.06
CA ASN B 212 -22.81 -11.28 -38.57
C ASN B 212 -21.85 -10.85 -37.48
N ASN B 213 -22.29 -11.04 -36.22
CA ASN B 213 -21.52 -10.64 -35.06
C ASN B 213 -20.32 -11.57 -34.89
N MET B 214 -19.10 -11.05 -35.05
CA MET B 214 -17.90 -11.87 -34.92
C MET B 214 -17.68 -12.37 -33.48
N ALA B 215 -18.35 -11.77 -32.49
CA ALA B 215 -18.11 -12.16 -31.11
C ALA B 215 -19.03 -13.31 -30.72
N LYS B 216 -20.08 -13.56 -31.51
CA LYS B 216 -21.08 -14.53 -31.15
C LYS B 216 -20.46 -15.89 -30.81
N ASN B 217 -19.53 -16.36 -31.65
CA ASN B 217 -18.92 -17.67 -31.43
C ASN B 217 -17.82 -17.63 -30.39
N LEU B 218 -17.38 -16.43 -30.00
CA LEU B 218 -16.23 -16.29 -29.13
C LEU B 218 -16.65 -16.25 -27.67
N LEU B 219 -17.95 -16.02 -27.40
CA LEU B 219 -18.45 -15.84 -26.05
C LEU B 219 -19.51 -16.89 -25.73
N PRO B 220 -19.53 -17.42 -24.49
CA PRO B 220 -20.60 -18.29 -24.06
C PRO B 220 -21.89 -17.55 -23.73
N GLY B 221 -21.75 -16.30 -23.25
CA GLY B 221 -22.89 -15.52 -22.77
C GLY B 221 -23.19 -14.32 -23.64
N ALA B 222 -24.04 -13.44 -23.08
CA ALA B 222 -24.51 -12.24 -23.76
C ALA B 222 -23.41 -11.17 -23.78
N LEU B 223 -22.56 -11.16 -22.75
CA LEU B 223 -21.60 -10.10 -22.52
C LEU B 223 -20.24 -10.71 -22.18
N GLY B 224 -19.19 -10.02 -22.56
CA GLY B 224 -17.86 -10.56 -22.36
C GLY B 224 -16.83 -9.69 -23.05
N THR B 225 -15.65 -10.28 -23.27
CA THR B 225 -14.54 -9.60 -23.88
C THR B 225 -13.92 -10.47 -24.97
N VAL B 226 -13.38 -9.79 -25.97
CA VAL B 226 -12.59 -10.47 -27.03
C VAL B 226 -11.27 -9.68 -27.01
N ASN B 227 -10.11 -10.32 -27.02
CA ASN B 227 -8.88 -9.49 -27.01
C ASN B 227 -8.73 -8.72 -28.33
N LEU B 228 -8.05 -7.58 -28.30
CA LEU B 228 -7.83 -6.78 -29.52
C LEU B 228 -7.18 -7.66 -30.59
N GLU B 229 -6.24 -8.49 -30.20
CA GLU B 229 -5.53 -9.33 -31.17
C GLU B 229 -6.53 -10.11 -32.01
N LYS B 230 -7.54 -10.68 -31.35
CA LYS B 230 -8.54 -11.46 -32.07
C LYS B 230 -9.43 -10.56 -32.92
N VAL B 231 -9.70 -9.33 -32.49
CA VAL B 231 -10.52 -8.42 -33.29
C VAL B 231 -9.74 -8.10 -34.58
N LEU B 232 -8.44 -7.83 -34.40
CA LEU B 232 -7.57 -7.43 -35.49
C LEU B 232 -7.38 -8.61 -36.44
N SER B 233 -7.26 -9.82 -35.91
CA SER B 233 -7.07 -10.98 -36.76
C SER B 233 -8.34 -11.19 -37.60
N THR B 234 -9.50 -11.12 -36.96
CA THR B 234 -10.77 -11.30 -37.64
C THR B 234 -11.02 -10.16 -38.64
N ASN B 235 -10.70 -8.93 -38.27
CA ASN B 235 -10.78 -7.82 -39.20
C ASN B 235 -12.19 -7.70 -39.80
N PRO B 236 -13.23 -7.40 -38.99
CA PRO B 236 -14.59 -7.37 -39.49
C PRO B 236 -14.86 -6.28 -40.54
N ASP B 237 -15.92 -6.48 -41.33
CA ASP B 237 -16.35 -5.49 -42.32
C ASP B 237 -16.79 -4.20 -41.64
N ILE B 238 -17.37 -4.34 -40.44
CA ILE B 238 -17.97 -3.20 -39.77
C ILE B 238 -17.54 -3.18 -38.29
N TYR B 239 -17.27 -1.97 -37.82
CA TYR B 239 -16.86 -1.68 -36.46
C TYR B 239 -17.88 -0.71 -35.84
N ILE B 240 -18.37 -1.06 -34.65
CA ILE B 240 -19.27 -0.19 -33.92
C ILE B 240 -18.72 -0.01 -32.51
N ALA B 241 -18.74 1.24 -32.04
CA ALA B 241 -18.39 1.59 -30.68
C ALA B 241 -19.65 2.10 -29.98
N SER B 242 -19.91 1.58 -28.79
CA SER B 242 -20.94 2.16 -27.93
C SER B 242 -20.32 3.15 -26.93
N GLY B 243 -21.10 4.16 -26.57
CA GLY B 243 -20.75 5.06 -25.48
C GLY B 243 -21.94 5.94 -25.08
N GLY B 244 -21.80 6.59 -23.92
CA GLY B 244 -22.78 7.57 -23.47
C GLY B 244 -22.08 8.76 -22.79
N LYS B 245 -20.91 9.12 -23.29
CA LYS B 245 -20.06 10.10 -22.63
C LYS B 245 -20.65 11.49 -22.80
N ALA B 246 -20.50 12.29 -21.74
CA ALA B 246 -20.85 13.70 -21.77
C ALA B 246 -20.02 14.40 -22.83
N PRO B 247 -20.56 15.39 -23.57
CA PRO B 247 -19.77 16.06 -24.58
C PRO B 247 -18.69 16.93 -23.94
N ASP B 248 -18.90 17.29 -22.68
CA ASP B 248 -17.87 17.84 -21.82
C ASP B 248 -17.26 16.73 -21.00
N ASN B 249 -16.37 15.95 -21.63
CA ASN B 249 -15.51 14.99 -20.97
C ASN B 249 -14.43 14.61 -21.97
N ASN B 250 -13.17 14.80 -21.61
CA ASN B 250 -12.06 14.63 -22.55
C ASN B 250 -11.59 13.18 -22.55
N ALA B 251 -11.87 12.44 -21.46
CA ALA B 251 -11.53 11.04 -21.35
C ALA B 251 -12.06 10.29 -22.58
N PRO B 252 -11.38 9.23 -23.07
CA PRO B 252 -11.76 8.66 -24.35
C PRO B 252 -13.07 7.91 -24.15
N GLY B 253 -13.92 8.00 -25.17
CA GLY B 253 -15.29 7.60 -25.02
C GLY B 253 -16.11 8.23 -26.13
N VAL B 254 -17.08 7.48 -26.64
CA VAL B 254 -18.01 8.04 -27.60
C VAL B 254 -19.03 8.86 -26.80
N SER B 255 -19.11 10.13 -27.17
CA SER B 255 -20.12 11.03 -26.65
C SER B 255 -21.37 10.83 -27.49
N LEU B 256 -22.40 10.26 -26.84
CA LEU B 256 -23.76 10.24 -27.38
C LEU B 256 -24.76 10.41 -26.23
N GLY B 257 -25.95 10.89 -26.58
CA GLY B 257 -27.02 11.07 -25.60
C GLY B 257 -27.85 12.30 -25.89
N ALA B 258 -28.72 12.63 -24.93
CA ALA B 258 -29.73 13.66 -25.08
C ALA B 258 -29.10 15.04 -25.31
N GLN B 259 -27.87 15.23 -24.82
CA GLN B 259 -27.26 16.56 -24.85
C GLN B 259 -26.06 16.62 -25.78
N VAL B 260 -25.99 15.76 -26.80
CA VAL B 260 -24.85 15.70 -27.69
C VAL B 260 -25.31 16.04 -29.10
N THR B 261 -24.54 16.87 -29.82
CA THR B 261 -24.82 17.10 -31.23
C THR B 261 -24.07 16.08 -32.09
N LYS B 262 -24.37 16.09 -33.40
CA LYS B 262 -23.76 15.19 -34.37
C LYS B 262 -22.26 15.42 -34.40
N GLU B 263 -21.85 16.70 -34.44
CA GLU B 263 -20.45 17.10 -34.56
C GLU B 263 -19.65 16.67 -33.34
N GLN B 264 -20.25 16.78 -32.15
CA GLN B 264 -19.55 16.35 -30.94
C GLN B 264 -19.46 14.83 -30.92
N ALA B 265 -20.51 14.18 -31.43
CA ALA B 265 -20.55 12.73 -31.55
C ALA B 265 -19.42 12.26 -32.46
N GLN B 266 -19.36 12.85 -33.66
CA GLN B 266 -18.38 12.44 -34.66
C GLN B 266 -16.96 12.63 -34.15
N SER B 267 -16.73 13.78 -33.54
CA SER B 267 -15.43 14.14 -33.03
C SER B 267 -14.97 13.13 -31.97
N SER B 268 -15.85 12.73 -31.05
CA SER B 268 -15.45 11.85 -29.96
C SER B 268 -15.25 10.42 -30.48
N LEU B 269 -16.05 10.02 -31.48
CA LEU B 269 -15.86 8.75 -32.14
C LEU B 269 -14.46 8.72 -32.76
N GLN B 270 -14.11 9.79 -33.47
CA GLN B 270 -12.83 9.88 -34.14
C GLN B 270 -11.68 9.62 -33.18
N THR B 271 -11.72 10.18 -31.97
CA THR B 271 -10.71 9.91 -30.95
C THR B 271 -10.64 8.41 -30.66
N ILE B 272 -11.81 7.76 -30.63
CA ILE B 272 -11.91 6.34 -30.35
C ILE B 272 -11.30 5.52 -31.50
N LEU B 273 -11.57 5.94 -32.74
CA LEU B 273 -11.07 5.28 -33.94
C LEU B 273 -9.56 5.47 -34.15
N ASP B 274 -8.94 6.48 -33.52
CA ASP B 274 -7.55 6.78 -33.75
C ASP B 274 -6.64 5.98 -32.81
N ARG B 275 -7.21 5.30 -31.82
CA ARG B 275 -6.40 4.50 -30.90
C ARG B 275 -5.53 3.51 -31.68
N LYS B 276 -4.37 3.21 -31.12
CA LYS B 276 -3.46 2.23 -31.67
C LYS B 276 -4.15 0.87 -31.73
N GLY B 277 -3.88 0.11 -32.80
CA GLY B 277 -4.49 -1.19 -33.01
C GLY B 277 -5.81 -1.01 -33.75
N ILE B 278 -6.75 -0.37 -33.06
CA ILE B 278 -8.05 -0.09 -33.61
C ILE B 278 -7.89 0.62 -34.95
N ASN B 279 -6.98 1.59 -35.02
CA ASN B 279 -6.85 2.39 -36.23
C ASN B 279 -6.39 1.59 -37.45
N THR B 280 -5.99 0.32 -37.28
CA THR B 280 -5.51 -0.49 -38.41
C THR B 280 -6.60 -1.43 -38.93
N LEU B 281 -7.78 -1.47 -38.31
CA LEU B 281 -8.89 -2.27 -38.82
C LEU B 281 -9.32 -1.74 -40.18
N SER B 282 -9.71 -2.64 -41.10
CA SER B 282 -10.14 -2.25 -42.44
C SER B 282 -11.45 -1.48 -42.41
N ALA B 283 -12.35 -1.87 -41.49
CA ALA B 283 -13.60 -1.16 -41.25
C ALA B 283 -13.34 0.30 -40.99
N VAL B 284 -12.33 0.55 -40.14
CA VAL B 284 -12.00 1.90 -39.74
C VAL B 284 -11.37 2.64 -40.91
N LYS B 285 -10.53 1.96 -41.70
CA LYS B 285 -9.88 2.54 -42.88
C LYS B 285 -10.92 2.81 -43.95
N ASN B 286 -11.82 1.85 -44.17
CA ASN B 286 -12.90 1.97 -45.13
C ASN B 286 -13.98 2.95 -44.67
N GLY B 287 -13.94 3.36 -43.40
CA GLY B 287 -14.94 4.28 -42.88
C GLY B 287 -16.29 3.62 -42.55
N ARG B 288 -16.34 2.30 -42.48
CA ARG B 288 -17.50 1.58 -41.97
C ARG B 288 -17.38 1.46 -40.45
N SER B 289 -17.38 2.62 -39.80
CA SER B 289 -17.16 2.74 -38.37
C SER B 289 -18.19 3.71 -37.79
N TYR B 290 -18.83 3.29 -36.68
CA TYR B 290 -20.08 3.87 -36.24
C TYR B 290 -20.17 3.86 -34.72
N GLY B 291 -20.99 4.77 -34.18
CA GLY B 291 -21.19 4.89 -32.74
C GLY B 291 -22.66 4.73 -32.40
N ILE B 292 -22.92 3.97 -31.31
CA ILE B 292 -24.27 3.72 -30.85
C ILE B 292 -24.34 4.06 -29.37
N TRP B 293 -25.42 4.71 -28.94
CA TRP B 293 -25.70 4.99 -27.54
C TRP B 293 -25.65 3.71 -26.70
N HIS B 294 -24.82 3.68 -25.66
CA HIS B 294 -24.53 2.46 -24.92
C HIS B 294 -25.77 1.93 -24.22
N ASN B 295 -26.63 2.84 -23.73
CA ASN B 295 -27.74 2.43 -22.89
C ASN B 295 -28.85 1.73 -23.69
N PHE B 296 -28.75 1.67 -25.02
CA PHE B 296 -29.59 0.77 -25.79
C PHE B 296 -29.33 -0.68 -25.43
N TYR B 297 -28.20 -0.93 -24.76
CA TYR B 297 -27.84 -2.28 -24.32
C TYR B 297 -28.77 -2.73 -23.18
N ASN B 298 -29.64 -1.84 -22.69
CA ASN B 298 -30.56 -2.19 -21.63
C ASN B 298 -31.78 -1.29 -21.65
N SER B 299 -32.43 -1.20 -22.80
CA SER B 299 -33.58 -0.30 -22.95
C SER B 299 -34.55 -0.82 -24.01
N PRO B 300 -35.87 -0.74 -23.75
CA PRO B 300 -36.86 -1.10 -24.76
C PRO B 300 -36.91 -0.11 -25.91
N TYR B 301 -36.11 0.95 -25.85
CA TYR B 301 -36.00 1.86 -26.98
C TYR B 301 -35.05 1.23 -28.01
N ASN B 302 -34.56 0.02 -27.74
CA ASN B 302 -33.51 -0.57 -28.56
C ASN B 302 -33.92 -0.77 -30.03
N VAL B 303 -35.21 -0.65 -30.37
CA VAL B 303 -35.63 -0.69 -31.78
C VAL B 303 -34.85 0.33 -32.59
N LEU B 304 -34.48 1.48 -31.99
CA LEU B 304 -33.72 2.51 -32.68
C LEU B 304 -32.30 2.03 -33.04
N ALA B 305 -31.69 1.21 -32.17
CA ALA B 305 -30.40 0.60 -32.45
C ALA B 305 -30.51 -0.39 -33.61
N ILE B 306 -31.56 -1.21 -33.61
CA ILE B 306 -31.78 -2.17 -34.68
C ILE B 306 -31.91 -1.46 -36.03
N GLN B 307 -32.68 -0.36 -36.06
CA GLN B 307 -32.87 0.37 -37.28
C GLN B 307 -31.57 1.05 -37.70
N SER B 308 -30.85 1.62 -36.71
CA SER B 308 -29.57 2.24 -37.02
C SER B 308 -28.64 1.24 -37.67
N PHE B 309 -28.45 0.09 -36.99
CA PHE B 309 -27.53 -0.92 -37.46
C PHE B 309 -27.86 -1.33 -38.90
N ALA B 310 -29.15 -1.47 -39.21
CA ALA B 310 -29.60 -1.95 -40.50
C ALA B 310 -29.18 -0.98 -41.60
N LYS B 311 -29.26 0.31 -41.24
CA LYS B 311 -28.95 1.38 -42.14
C LYS B 311 -27.44 1.40 -42.40
N TRP B 312 -26.65 1.07 -41.38
CA TRP B 312 -25.21 0.98 -41.55
C TRP B 312 -24.85 -0.24 -42.37
N PHE B 313 -25.63 -1.30 -42.21
CA PHE B 313 -25.26 -2.58 -42.80
C PHE B 313 -25.71 -2.60 -44.26
N TYR B 314 -26.86 -2.00 -44.57
CA TYR B 314 -27.41 -2.10 -45.91
C TYR B 314 -27.91 -0.72 -46.31
N PRO B 315 -27.00 0.24 -46.59
CA PRO B 315 -27.37 1.66 -46.72
C PRO B 315 -28.37 1.94 -47.83
N GLN B 316 -28.31 1.15 -48.92
CA GLN B 316 -29.25 1.35 -50.03
C GLN B 316 -30.60 0.72 -49.72
N GLN B 317 -30.62 -0.51 -49.15
CA GLN B 317 -31.89 -1.17 -48.83
C GLN B 317 -32.70 -0.33 -47.85
N PHE B 318 -32.04 0.49 -47.00
CA PHE B 318 -32.74 1.28 -45.99
C PHE B 318 -32.53 2.78 -46.22
N ALA B 319 -32.43 3.19 -47.49
CA ALA B 319 -32.29 4.60 -47.87
C ALA B 319 -33.41 5.43 -47.25
N ASP B 320 -34.66 4.96 -47.39
CA ASP B 320 -35.82 5.70 -46.94
C ASP B 320 -36.17 5.40 -45.46
N LEU B 321 -35.47 4.48 -44.78
CA LEU B 321 -35.76 4.27 -43.36
C LEU B 321 -35.11 5.41 -42.59
N ASP B 322 -35.84 6.03 -41.65
CA ASP B 322 -35.32 7.19 -40.95
C ASP B 322 -35.47 7.03 -39.43
N PRO B 323 -34.42 6.57 -38.71
CA PRO B 323 -34.51 6.38 -37.27
C PRO B 323 -34.85 7.64 -36.49
N ASN B 324 -34.50 8.82 -37.02
CA ASN B 324 -34.80 10.08 -36.38
C ASN B 324 -36.31 10.27 -36.29
N ASN B 325 -37.00 9.84 -37.34
CA ASN B 325 -38.46 9.85 -37.40
C ASN B 325 -39.01 8.83 -36.41
N THR B 326 -38.41 7.62 -36.37
CA THR B 326 -38.87 6.59 -35.45
C THR B 326 -38.80 7.14 -34.03
N MET B 327 -37.67 7.77 -33.69
CA MET B 327 -37.45 8.34 -32.37
C MET B 327 -38.47 9.45 -32.08
N ASN B 328 -38.71 10.30 -33.08
CA ASN B 328 -39.70 11.35 -32.93
C ASN B 328 -41.04 10.75 -32.54
N SER B 329 -41.47 9.69 -33.22
CA SER B 329 -42.78 9.11 -32.97
C SER B 329 -42.80 8.55 -31.58
N LEU B 330 -41.71 7.88 -31.17
CA LEU B 330 -41.66 7.30 -29.85
C LEU B 330 -41.88 8.39 -28.80
N TYR B 331 -41.18 9.51 -28.93
CA TYR B 331 -41.31 10.60 -27.97
C TYR B 331 -42.75 11.11 -27.97
N SER B 332 -43.27 11.44 -29.15
CA SER B 332 -44.63 11.98 -29.29
C SER B 332 -45.67 11.13 -28.60
N GLN B 333 -45.61 9.82 -28.84
CA GLN B 333 -46.68 8.95 -28.39
C GLN B 333 -46.53 8.60 -26.91
N PHE B 334 -45.31 8.49 -26.40
CA PHE B 334 -45.18 7.91 -25.03
C PHE B 334 -44.41 8.70 -24.02
N LEU B 335 -43.78 9.79 -24.41
CA LEU B 335 -42.84 10.43 -23.50
C LEU B 335 -43.20 11.88 -23.21
N ALA B 336 -42.72 12.39 -22.07
CA ALA B 336 -43.10 13.71 -21.56
C ALA B 336 -42.00 14.73 -21.82
N ILE B 337 -40.96 14.33 -22.55
CA ILE B 337 -39.89 15.23 -22.91
C ILE B 337 -39.75 15.23 -24.41
N GLU B 338 -39.03 16.24 -24.91
CA GLU B 338 -38.76 16.39 -26.32
C GLU B 338 -37.52 15.58 -26.68
N PRO B 339 -37.47 14.99 -27.90
CA PRO B 339 -36.25 14.35 -28.36
C PRO B 339 -35.16 15.36 -28.68
N THR B 340 -33.98 15.16 -28.11
CA THR B 340 -32.83 16.01 -28.34
C THR B 340 -31.62 15.09 -28.43
N GLY B 341 -30.58 15.64 -29.03
CA GLY B 341 -29.28 15.06 -28.95
C GLY B 341 -29.09 14.00 -30.03
N THR B 342 -28.05 13.16 -29.82
CA THR B 342 -27.60 12.22 -30.82
C THR B 342 -27.37 10.86 -30.15
N TYR B 343 -27.95 9.83 -30.76
CA TYR B 343 -27.95 8.48 -30.23
C TYR B 343 -27.31 7.48 -31.20
N TRP B 344 -26.94 7.95 -32.39
CA TRP B 344 -26.11 7.18 -33.31
C TRP B 344 -25.29 8.14 -34.19
N VAL B 345 -24.17 7.67 -34.75
CA VAL B 345 -23.30 8.53 -35.53
C VAL B 345 -22.45 7.71 -36.52
N ASP B 346 -22.23 8.29 -37.71
CA ASP B 346 -21.22 7.81 -38.66
C ASP B 346 -19.95 8.65 -38.55
N SER B 347 -18.79 8.05 -38.86
CA SER B 347 -17.50 8.74 -38.92
C SER B 347 -17.50 9.91 -39.92
N ILE C 4 54.75 -7.72 12.07
CA ILE C 4 53.80 -7.83 13.21
C ILE C 4 52.97 -9.11 13.03
N THR C 5 52.56 -9.72 14.14
CA THR C 5 51.56 -10.77 14.12
C THR C 5 50.21 -10.15 14.46
N ASP C 6 49.22 -10.39 13.60
CA ASP C 6 47.88 -9.85 13.76
C ASP C 6 47.05 -10.79 14.63
N MET C 7 45.78 -10.43 14.87
CA MET C 7 44.97 -11.18 15.83
C MET C 7 44.48 -12.49 15.23
N ALA C 8 44.69 -12.72 13.93
CA ALA C 8 44.46 -14.05 13.37
C ALA C 8 45.74 -14.87 13.49
N GLY C 9 46.78 -14.29 14.10
CA GLY C 9 48.07 -14.95 14.24
C GLY C 9 48.82 -15.00 12.91
N ARG C 10 48.41 -14.14 11.99
CA ARG C 10 49.05 -14.11 10.64
C ARG C 10 50.14 -13.04 10.65
N SER C 11 51.34 -13.40 10.18
CA SER C 11 52.44 -12.46 10.08
C SER C 11 52.19 -11.53 8.89
N VAL C 12 52.23 -10.22 9.13
CA VAL C 12 51.82 -9.23 8.13
C VAL C 12 52.97 -8.23 7.98
N VAL C 13 53.28 -7.89 6.71
CA VAL C 13 54.39 -7.02 6.36
C VAL C 13 53.95 -5.56 6.40
N ILE C 14 54.66 -4.71 7.16
CA ILE C 14 54.26 -3.35 7.49
C ILE C 14 54.74 -2.34 6.46
N PRO C 15 53.87 -1.67 5.66
CA PRO C 15 54.34 -0.57 4.82
C PRO C 15 54.70 0.66 5.67
N ALA C 16 55.62 1.48 5.17
CA ALA C 16 56.08 2.64 5.90
C ALA C 16 55.08 3.79 5.77
N LYS C 17 54.35 3.80 4.65
CA LYS C 17 53.30 4.79 4.45
C LYS C 17 52.07 4.06 3.93
N VAL C 18 50.90 4.49 4.41
CA VAL C 18 49.62 4.10 3.85
C VAL C 18 48.80 5.38 3.77
N GLU C 19 48.08 5.54 2.65
CA GLU C 19 47.25 6.70 2.38
C GLU C 19 45.82 6.28 2.07
N ARG C 20 45.60 4.98 1.84
CA ARG C 20 44.34 4.46 1.37
C ARG C 20 44.00 3.18 2.15
N ILE C 21 43.06 3.30 3.10
CA ILE C 21 42.76 2.23 4.04
C ILE C 21 41.34 1.74 3.76
N LEU C 22 41.21 0.44 3.51
CA LEU C 22 39.90 -0.19 3.45
C LEU C 22 39.52 -0.74 4.82
N LEU C 23 38.34 -0.34 5.29
CA LEU C 23 37.80 -0.87 6.57
C LEU C 23 36.78 -1.96 6.21
N GLY C 24 37.01 -3.18 6.65
CA GLY C 24 36.19 -4.33 6.30
C GLY C 24 34.98 -4.43 7.22
N GLU C 25 35.07 -3.70 8.35
CA GLU C 25 33.91 -3.54 9.27
C GLU C 25 33.94 -2.05 9.61
N GLY C 26 32.88 -1.30 9.31
CA GLY C 26 32.90 0.15 9.49
C GLY C 26 33.18 0.58 10.92
N ARG C 27 32.74 -0.21 11.89
CA ARG C 27 32.90 0.17 13.29
C ARG C 27 34.36 0.06 13.74
N LEU C 28 35.23 -0.54 12.90
CA LEU C 28 36.67 -0.46 13.09
C LEU C 28 37.15 1.00 13.07
N PHE C 29 36.28 1.90 12.62
CA PHE C 29 36.61 3.35 12.65
C PHE C 29 36.74 3.80 14.12
N TYR C 30 36.08 3.10 15.05
CA TYR C 30 36.23 3.55 16.42
C TYR C 30 37.72 3.53 16.76
N ALA C 31 38.41 2.47 16.31
CA ALA C 31 39.83 2.32 16.59
C ALA C 31 40.66 3.31 15.80
N VAL C 32 40.40 3.41 14.48
CA VAL C 32 41.14 4.29 13.57
C VAL C 32 41.05 5.73 14.05
N SER C 33 39.88 6.12 14.57
CA SER C 33 39.64 7.51 14.95
C SER C 33 40.65 7.94 16.03
N LEU C 34 41.03 7.00 16.90
CA LEU C 34 41.96 7.26 17.97
C LEU C 34 43.35 7.65 17.43
N LEU C 35 43.60 7.33 16.16
CA LEU C 35 44.92 7.44 15.57
C LEU C 35 45.02 8.62 14.60
N GLU C 36 43.87 9.11 14.09
CA GLU C 36 43.85 10.05 12.98
C GLU C 36 43.60 11.49 13.43
N GLY C 37 43.46 11.72 14.74
CA GLY C 37 43.33 13.08 15.26
C GLY C 37 42.28 13.88 14.50
N GLN C 38 42.68 15.05 13.97
CA GLN C 38 41.77 16.00 13.36
C GLN C 38 41.49 15.63 11.89
N LYS C 39 42.10 14.55 11.37
CA LYS C 39 41.89 14.11 9.99
C LYS C 39 41.27 12.70 9.96
N PRO C 40 40.10 12.45 10.60
CA PRO C 40 39.62 11.08 10.77
C PRO C 40 39.37 10.28 9.48
N PHE C 41 38.89 10.92 8.42
CA PHE C 41 38.47 10.13 7.23
C PHE C 41 39.39 10.29 6.05
N ASP C 42 40.47 11.06 6.21
CA ASP C 42 41.30 11.39 5.06
C ASP C 42 41.93 10.17 4.41
N ARG C 43 42.08 9.06 5.14
CA ARG C 43 42.79 7.89 4.57
C ARG C 43 41.83 6.70 4.41
N ILE C 44 40.54 6.93 4.65
CA ILE C 44 39.52 5.87 4.49
C ILE C 44 39.03 5.87 3.04
N VAL C 45 39.26 4.79 2.31
CA VAL C 45 38.79 4.73 0.94
C VAL C 45 37.53 3.88 0.84
N GLY C 46 37.27 3.08 1.85
CA GLY C 46 36.09 2.21 1.74
C GLY C 46 35.75 1.56 3.04
N TRP C 47 34.47 1.43 3.33
CA TRP C 47 34.11 0.67 4.55
C TRP C 47 32.78 -0.07 4.43
N GLN C 48 32.64 -1.15 5.21
CA GLN C 48 31.32 -1.81 5.31
C GLN C 48 30.41 -0.79 5.99
N GLY C 49 29.11 -0.83 5.72
CA GLY C 49 28.23 0.23 6.26
C GLY C 49 27.74 0.04 7.67
N ASP C 50 28.43 -0.73 8.51
CA ASP C 50 27.90 -1.00 9.83
C ASP C 50 28.07 0.21 10.75
N PHE C 51 29.03 1.08 10.50
CA PHE C 51 29.14 2.30 11.35
C PHE C 51 27.99 3.24 11.00
N ARG C 52 27.79 3.45 9.71
CA ARG C 52 26.77 4.38 9.25
C ARG C 52 25.36 3.87 9.59
N LYS C 53 25.11 2.56 9.46
CA LYS C 53 23.78 1.99 9.70
C LYS C 53 23.51 1.68 11.17
N LEU C 54 24.52 1.16 11.91
CA LEU C 54 24.36 0.71 13.27
C LEU C 54 24.93 1.70 14.29
N ASP C 55 25.41 2.86 13.86
CA ASP C 55 25.71 3.88 14.84
C ASP C 55 25.39 5.23 14.21
N THR C 56 24.10 5.42 13.92
CA THR C 56 23.62 6.59 13.19
C THR C 56 23.93 7.84 14.00
N GLN C 57 23.89 7.69 15.33
CA GLN C 57 24.07 8.83 16.22
C GLN C 57 25.51 9.35 16.13
N THR C 58 26.51 8.46 16.25
CA THR C 58 27.90 8.87 16.18
C THR C 58 28.19 9.36 14.76
N TYR C 59 27.69 8.65 13.77
CA TYR C 59 27.94 9.06 12.37
C TYR C 59 27.41 10.48 12.19
N ALA C 60 26.23 10.77 12.71
CA ALA C 60 25.59 12.06 12.49
C ALA C 60 26.47 13.19 13.02
N VAL C 61 27.11 12.96 14.17
CA VAL C 61 27.93 13.98 14.80
C VAL C 61 29.16 14.23 13.91
N TYR C 62 29.74 13.16 13.39
CA TYR C 62 30.88 13.27 12.48
C TYR C 62 30.47 13.98 11.19
N LYS C 63 29.30 13.64 10.62
CA LYS C 63 28.84 14.23 9.36
C LYS C 63 28.68 15.74 9.49
N ALA C 64 28.25 16.21 10.66
CA ALA C 64 28.11 17.63 10.94
C ALA C 64 29.43 18.36 10.69
N LYS C 65 30.55 17.76 11.09
CA LYS C 65 31.84 18.43 11.02
C LYS C 65 32.61 18.03 9.78
N PHE C 66 32.32 16.83 9.25
CA PHE C 66 33.07 16.24 8.14
C PHE C 66 32.09 15.66 7.13
N PRO C 67 31.38 16.53 6.38
CA PRO C 67 30.40 16.07 5.40
C PRO C 67 30.91 15.03 4.40
N GLN C 68 32.23 15.02 4.12
CA GLN C 68 32.85 14.05 3.23
C GLN C 68 32.42 12.62 3.54
N VAL C 69 32.17 12.34 4.82
CA VAL C 69 31.90 10.94 5.26
C VAL C 69 30.86 10.29 4.35
N ASP C 70 29.85 11.04 3.95
CA ASP C 70 28.78 10.46 3.15
C ASP C 70 29.29 9.94 1.80
N ASN C 71 30.49 10.37 1.39
CA ASN C 71 31.03 10.00 0.09
C ASN C 71 31.93 8.77 0.19
N ILE C 72 32.19 8.32 1.40
CA ILE C 72 33.13 7.18 1.55
C ILE C 72 32.42 5.95 0.96
N PRO C 73 33.00 5.29 -0.05
CA PRO C 73 32.42 4.06 -0.65
C PRO C 73 31.96 3.06 0.40
N LEU C 74 30.77 2.51 0.18
CA LEU C 74 30.27 1.45 1.09
C LEU C 74 30.45 0.09 0.38
N ILE C 75 31.16 -0.84 1.02
CA ILE C 75 31.42 -2.18 0.42
C ILE C 75 30.25 -3.13 0.76
N THR C 90 37.73 -2.63 -6.80
CA THR C 90 38.01 -1.51 -7.71
C THR C 90 38.76 -0.38 -6.99
N LEU C 91 38.76 -0.34 -5.65
CA LEU C 91 39.37 0.77 -4.93
C LEU C 91 40.86 0.50 -4.74
N ASN C 92 41.65 1.56 -4.56
CA ASN C 92 43.11 1.48 -4.62
C ASN C 92 43.68 1.52 -3.21
N PRO C 93 43.49 0.44 -2.41
CA PRO C 93 43.89 0.44 -1.02
C PRO C 93 45.36 0.08 -0.85
N ASP C 94 46.01 0.75 0.10
CA ASP C 94 47.34 0.36 0.55
C ASP C 94 47.25 -0.82 1.53
N ILE C 95 46.11 -0.94 2.23
CA ILE C 95 45.98 -1.86 3.34
C ILE C 95 44.49 -2.09 3.64
N ALA C 96 44.17 -3.27 4.16
CA ALA C 96 42.81 -3.60 4.56
C ALA C 96 42.80 -4.07 6.01
N ILE C 97 41.84 -3.56 6.78
CA ILE C 97 41.67 -3.92 8.17
C ILE C 97 40.35 -4.69 8.29
N PHE C 98 40.43 -5.86 8.91
CA PHE C 98 39.27 -6.71 9.12
C PHE C 98 39.15 -7.10 10.59
N GLY C 99 37.92 -7.46 10.98
CA GLY C 99 37.63 -8.03 12.29
C GLY C 99 37.70 -9.56 12.25
N LEU C 100 37.84 -10.19 13.40
CA LEU C 100 37.47 -11.60 13.57
C LEU C 100 35.93 -11.66 13.68
N GLU C 110 38.92 -15.84 0.19
CA GLU C 110 39.07 -15.51 -1.25
C GLU C 110 39.23 -14.01 -1.42
N LEU C 111 38.51 -13.21 -0.60
CA LEU C 111 38.71 -11.77 -0.54
C LEU C 111 40.13 -11.46 -0.05
N VAL C 112 40.54 -12.16 1.02
CA VAL C 112 41.86 -11.99 1.61
C VAL C 112 42.94 -12.34 0.59
N LYS C 113 42.74 -13.46 -0.13
CA LYS C 113 43.69 -13.93 -1.13
C LYS C 113 43.80 -12.92 -2.27
N GLN C 114 42.65 -12.44 -2.77
CA GLN C 114 42.59 -11.47 -3.86
C GLN C 114 43.40 -10.23 -3.49
N LEU C 115 43.30 -9.75 -2.24
CA LEU C 115 43.97 -8.54 -1.79
C LEU C 115 45.46 -8.78 -1.61
N GLU C 116 45.82 -9.92 -0.99
CA GLU C 116 47.22 -10.29 -0.81
C GLU C 116 47.89 -10.47 -2.18
N LYS C 117 47.17 -11.02 -3.16
CA LYS C 117 47.70 -11.24 -4.50
C LYS C 117 47.90 -9.91 -5.22
N ALA C 118 47.25 -8.82 -4.76
CA ALA C 118 47.43 -7.50 -5.35
C ALA C 118 48.44 -6.66 -4.55
N GLY C 119 49.14 -7.29 -3.59
CA GLY C 119 50.16 -6.61 -2.80
C GLY C 119 49.57 -5.69 -1.73
N VAL C 120 48.33 -5.98 -1.34
CA VAL C 120 47.66 -5.22 -0.29
C VAL C 120 47.72 -6.06 0.98
N PRO C 121 48.42 -5.59 2.04
CA PRO C 121 48.35 -6.24 3.33
C PRO C 121 46.92 -6.28 3.89
N VAL C 122 46.58 -7.43 4.49
CA VAL C 122 45.35 -7.60 5.25
C VAL C 122 45.74 -7.80 6.71
N VAL C 123 45.12 -7.02 7.61
CA VAL C 123 45.43 -7.10 9.03
C VAL C 123 44.13 -7.41 9.78
N PHE C 124 44.14 -8.46 10.61
CA PHE C 124 43.00 -8.78 11.45
C PHE C 124 43.19 -8.15 12.83
N VAL C 125 42.17 -7.45 13.32
CA VAL C 125 42.12 -7.02 14.71
C VAL C 125 40.83 -7.54 15.35
N ASP C 126 40.68 -7.30 16.66
CA ASP C 126 39.53 -7.84 17.38
C ASP C 126 39.20 -7.03 18.63
N PHE C 127 37.97 -6.49 18.68
CA PHE C 127 37.44 -5.91 19.90
C PHE C 127 36.18 -6.64 20.32
N ARG C 128 35.85 -7.73 19.63
CA ARG C 128 34.51 -8.31 19.73
C ARG C 128 34.57 -9.65 20.45
N THR C 129 35.37 -10.60 19.97
CA THR C 129 35.26 -11.93 20.51
C THR C 129 36.12 -12.04 21.77
N SER C 130 37.33 -11.45 21.82
CA SER C 130 38.16 -11.47 23.02
C SER C 130 38.72 -10.10 23.34
N PRO C 131 37.89 -9.12 23.72
CA PRO C 131 38.36 -7.77 24.01
C PRO C 131 39.43 -7.67 25.09
N LEU C 132 39.34 -8.53 26.10
CA LEU C 132 40.32 -8.50 27.18
C LEU C 132 41.70 -8.85 26.64
N LYS C 133 41.80 -9.90 25.83
CA LYS C 133 43.05 -10.30 25.24
C LYS C 133 43.48 -9.36 24.11
N ASN C 134 42.53 -8.86 23.31
CA ASN C 134 42.86 -8.35 21.98
C ASN C 134 42.71 -6.84 21.81
N THR C 135 42.14 -6.12 22.79
CA THR C 135 41.90 -4.70 22.62
C THR C 135 43.24 -3.99 22.40
N LEU C 136 44.16 -4.17 23.35
CA LEU C 136 45.38 -3.37 23.33
C LEU C 136 46.33 -3.88 22.27
N PRO C 137 46.56 -5.20 22.11
CA PRO C 137 47.29 -5.72 20.96
C PRO C 137 46.76 -5.18 19.63
N SER C 138 45.44 -5.05 19.50
CA SER C 138 44.85 -4.55 18.26
C SER C 138 45.31 -3.12 18.02
N MET C 139 45.28 -2.31 19.08
CA MET C 139 45.68 -0.92 18.97
C MET C 139 47.16 -0.83 18.62
N ARG C 140 47.99 -1.69 19.20
CA ARG C 140 49.43 -1.67 18.96
C ARG C 140 49.68 -1.96 17.49
N VAL C 141 49.09 -3.05 17.00
CA VAL C 141 49.16 -3.45 15.60
C VAL C 141 48.76 -2.28 14.71
N LEU C 142 47.64 -1.63 15.05
CA LEU C 142 47.12 -0.57 14.20
C LEU C 142 48.08 0.61 14.18
N GLY C 143 48.66 0.95 15.34
CA GLY C 143 49.62 2.04 15.42
C GLY C 143 50.80 1.78 14.49
N LYS C 144 51.21 0.51 14.39
CA LYS C 144 52.36 0.15 13.59
C LYS C 144 52.01 0.17 12.10
N VAL C 145 50.87 -0.41 11.70
CA VAL C 145 50.61 -0.61 10.28
C VAL C 145 50.06 0.69 9.67
N LEU C 146 49.59 1.63 10.50
CA LEU C 146 49.04 2.89 10.01
C LEU C 146 49.97 4.07 10.30
N HIS C 147 51.16 3.78 10.88
CA HIS C 147 52.17 4.77 11.20
C HIS C 147 51.63 5.84 12.15
N ARG C 148 51.12 5.39 13.29
CA ARG C 148 50.52 6.25 14.30
C ARG C 148 50.78 5.65 15.67
N GLU C 149 52.05 5.27 15.89
CA GLU C 149 52.49 4.57 17.07
C GLU C 149 52.41 5.49 18.28
N GLN C 150 52.75 6.77 18.11
CA GLN C 150 52.63 7.72 19.21
C GLN C 150 51.20 7.74 19.75
N GLN C 151 50.24 7.74 18.83
CA GLN C 151 48.84 7.90 19.19
C GLN C 151 48.35 6.59 19.77
N ALA C 152 48.73 5.46 19.17
CA ALA C 152 48.41 4.15 19.70
C ALA C 152 48.92 4.03 21.13
N ASN C 153 50.19 4.38 21.37
CA ASN C 153 50.83 4.10 22.64
C ASN C 153 50.28 5.00 23.75
N ASP C 154 49.96 6.24 23.40
CA ASP C 154 49.29 7.15 24.31
C ASP C 154 47.90 6.61 24.66
N TYR C 155 47.21 6.00 23.67
CA TYR C 155 45.88 5.49 23.95
C TYR C 155 46.02 4.28 24.87
N ILE C 156 47.03 3.44 24.58
CA ILE C 156 47.33 2.30 25.40
C ILE C 156 47.61 2.71 26.84
N LYS C 157 48.38 3.78 27.06
CA LYS C 157 48.67 4.26 28.41
C LYS C 157 47.37 4.68 29.09
N PHE C 158 46.58 5.47 28.37
CA PHE C 158 45.35 6.03 28.89
C PHE C 158 44.41 4.89 29.31
N TYR C 159 44.26 3.90 28.42
CA TYR C 159 43.38 2.76 28.64
C TYR C 159 43.87 1.94 29.83
N GLU C 160 45.16 1.60 29.85
CA GLU C 160 45.69 0.80 30.95
C GLU C 160 45.48 1.54 32.26
N ASP C 161 45.80 2.84 32.34
CA ASP C 161 45.58 3.59 33.56
C ASP C 161 44.14 3.40 34.04
N ASN C 162 43.21 3.58 33.12
CA ASN C 162 41.81 3.68 33.48
C ASN C 162 41.23 2.31 33.78
N VAL C 163 41.82 1.25 33.22
CA VAL C 163 41.42 -0.11 33.54
C VAL C 163 42.00 -0.51 34.89
N ARG C 164 43.25 -0.14 35.17
CA ARG C 164 43.91 -0.47 36.42
C ARG C 164 43.13 0.05 37.62
N LYS C 165 42.56 1.24 37.48
CA LYS C 165 41.77 1.85 38.55
C LYS C 165 40.71 0.85 39.02
N VAL C 166 40.23 0.00 38.11
CA VAL C 166 39.28 -1.05 38.44
C VAL C 166 40.00 -2.30 38.94
N THR C 167 40.91 -2.84 38.11
CA THR C 167 41.39 -4.20 38.28
C THR C 167 42.37 -4.33 39.45
N GLU C 168 43.02 -3.24 39.85
CA GLU C 168 43.87 -3.24 41.02
C GLU C 168 43.02 -3.59 42.24
N ILE C 169 41.71 -3.31 42.14
CA ILE C 169 40.78 -3.68 43.20
C ILE C 169 40.08 -5.00 42.89
N THR C 170 39.58 -5.20 41.66
CA THR C 170 38.71 -6.35 41.42
C THR C 170 39.52 -7.65 41.39
N SER C 171 40.84 -7.57 41.14
CA SER C 171 41.67 -8.77 41.09
C SER C 171 41.86 -9.38 42.49
N LYS C 172 41.68 -8.59 43.55
CA LYS C 172 41.83 -9.05 44.93
C LYS C 172 40.51 -9.52 45.54
N ILE C 173 39.43 -9.63 44.74
CA ILE C 173 38.15 -10.06 45.26
C ILE C 173 38.01 -11.56 45.04
N PRO C 174 37.76 -12.36 46.11
CA PRO C 174 37.58 -13.80 45.95
C PRO C 174 36.31 -14.15 45.19
N ALA C 175 36.38 -15.21 44.37
CA ALA C 175 35.31 -15.51 43.41
C ALA C 175 33.95 -15.66 44.12
N ASP C 176 33.96 -16.32 45.27
CA ASP C 176 32.74 -16.68 45.97
C ASP C 176 32.01 -15.40 46.44
N LYS C 177 32.75 -14.29 46.54
CA LYS C 177 32.27 -13.05 47.10
C LYS C 177 31.75 -12.11 46.00
N LYS C 178 31.75 -12.56 44.74
CA LYS C 178 31.41 -11.69 43.61
C LYS C 178 29.93 -11.77 43.26
N PRO C 179 29.28 -10.65 42.91
CA PRO C 179 27.90 -10.67 42.48
C PRO C 179 27.74 -11.39 41.15
N SER C 180 26.67 -12.17 41.00
CA SER C 180 26.32 -12.78 39.74
C SER C 180 25.69 -11.74 38.80
N VAL C 181 25.92 -11.92 37.49
CA VAL C 181 25.57 -10.91 36.50
C VAL C 181 25.08 -11.58 35.24
N PHE C 182 24.02 -11.01 34.65
CA PHE C 182 23.57 -11.40 33.32
C PHE C 182 23.50 -10.13 32.47
N ILE C 183 24.07 -10.25 31.26
CA ILE C 183 23.97 -9.13 30.30
C ILE C 183 23.07 -9.57 29.15
N GLU C 184 21.99 -8.87 28.93
CA GLU C 184 21.13 -9.12 27.75
C GLU C 184 21.56 -8.14 26.65
N LEU C 185 22.24 -8.67 25.65
CA LEU C 185 22.69 -7.83 24.52
C LEU C 185 21.50 -7.50 23.61
N ARG C 186 21.39 -6.23 23.27
CA ARG C 186 20.35 -5.73 22.37
C ARG C 186 18.98 -6.14 22.92
N ALA C 187 18.80 -5.96 24.22
CA ALA C 187 17.55 -6.29 24.87
C ALA C 187 16.39 -5.67 24.11
N GLY C 188 15.40 -6.49 23.73
CA GLY C 188 14.14 -5.98 23.20
C GLY C 188 13.55 -6.91 22.18
N GLU C 192 14.02 -12.84 19.27
CA GLU C 192 14.27 -13.98 20.18
C GLU C 192 14.75 -13.43 21.53
N CYS C 193 14.91 -14.28 22.55
CA CYS C 193 15.24 -13.66 23.85
C CYS C 193 16.42 -14.20 24.64
N CYS C 194 17.16 -13.28 25.23
CA CYS C 194 18.31 -13.55 26.11
C CYS C 194 19.58 -13.78 25.28
N GLY C 195 19.86 -12.84 24.38
CA GLY C 195 21.16 -12.83 23.67
C GLY C 195 22.16 -12.31 24.68
N THR C 196 23.34 -12.91 24.78
CA THR C 196 24.28 -12.59 25.83
C THR C 196 25.69 -12.92 25.37
N ALA C 197 26.63 -12.64 26.27
CA ALA C 197 28.03 -12.97 26.01
C ALA C 197 28.47 -13.98 27.08
N GLY C 198 29.33 -14.89 26.68
CA GLY C 198 29.78 -15.94 27.54
C GLY C 198 31.27 -15.79 27.78
N LYS C 199 32.05 -16.60 27.08
CA LYS C 199 33.48 -16.66 27.31
C LYS C 199 34.16 -15.63 26.39
N GLY C 200 33.92 -14.35 26.66
CA GLY C 200 34.42 -13.29 25.78
C GLY C 200 33.41 -12.17 25.59
N ASN C 201 33.63 -11.30 24.62
CA ASN C 201 32.78 -10.08 24.41
C ASN C 201 32.61 -9.34 25.75
N MET C 202 31.38 -8.93 26.07
CA MET C 202 31.13 -8.14 27.31
C MET C 202 31.46 -8.99 28.55
N GLY C 203 31.37 -10.31 28.46
CA GLY C 203 31.74 -11.17 29.59
C GLY C 203 33.11 -10.78 30.13
N ASP C 204 34.05 -10.46 29.25
CA ASP C 204 35.40 -10.00 29.66
C ASP C 204 35.33 -8.78 30.59
N PHE C 205 34.41 -7.85 30.31
CA PHE C 205 34.25 -6.62 31.13
C PHE C 205 33.68 -7.03 32.49
N ILE C 206 32.68 -7.90 32.47
CA ILE C 206 32.09 -8.42 33.74
C ILE C 206 33.24 -9.04 34.53
N ASP C 207 34.06 -9.84 33.85
CA ASP C 207 35.17 -10.52 34.51
C ASP C 207 36.10 -9.45 35.12
N GLN C 208 36.53 -8.48 34.31
CA GLN C 208 37.48 -7.46 34.74
C GLN C 208 36.89 -6.60 35.85
N ALA C 209 35.57 -6.39 35.84
CA ALA C 209 34.90 -5.53 36.80
C ALA C 209 34.57 -6.26 38.10
N GLY C 210 35.04 -7.50 38.25
CA GLY C 210 34.86 -8.26 39.48
C GLY C 210 33.51 -8.93 39.57
N GLY C 211 32.85 -9.12 38.42
CA GLY C 211 31.57 -9.78 38.40
C GLY C 211 31.72 -11.24 38.04
N ASN C 212 30.64 -11.98 38.23
CA ASN C 212 30.54 -13.38 37.87
C ASN C 212 29.41 -13.51 36.84
N ASN C 213 29.83 -13.63 35.58
CA ASN C 213 28.93 -13.76 34.45
C ASN C 213 28.24 -15.11 34.50
N MET C 214 26.92 -15.12 34.72
CA MET C 214 26.17 -16.36 34.80
C MET C 214 26.12 -17.08 33.45
N ALA C 215 26.41 -16.39 32.34
CA ALA C 215 26.29 -17.04 31.04
C ALA C 215 27.59 -17.78 30.69
N LYS C 216 28.68 -17.49 31.40
CA LYS C 216 30.00 -17.96 31.00
C LYS C 216 30.01 -19.46 30.74
N ASN C 217 29.48 -20.26 31.68
CA ASN C 217 29.48 -21.70 31.51
C ASN C 217 28.25 -22.20 30.76
N LEU C 218 27.35 -21.30 30.36
CA LEU C 218 26.17 -21.73 29.62
C LEU C 218 26.44 -21.70 28.11
N LEU C 219 27.49 -21.00 27.67
CA LEU C 219 27.76 -20.78 26.25
C LEU C 219 29.17 -21.29 25.93
N PRO C 220 29.36 -21.94 24.76
CA PRO C 220 30.68 -22.41 24.34
C PRO C 220 31.57 -21.30 23.80
N GLY C 221 30.96 -20.28 23.15
CA GLY C 221 31.69 -19.18 22.55
C GLY C 221 31.49 -17.84 23.26
N ALA C 222 31.88 -16.77 22.57
CA ALA C 222 31.88 -15.43 23.12
C ALA C 222 30.46 -14.87 23.12
N LEU C 223 29.65 -15.29 22.13
CA LEU C 223 28.31 -14.77 21.96
C LEU C 223 27.34 -15.93 21.74
N GLY C 224 26.12 -15.77 22.24
CA GLY C 224 25.09 -16.78 22.06
C GLY C 224 23.80 -16.33 22.72
N THR C 225 22.94 -17.32 22.97
CA THR C 225 21.64 -17.09 23.57
C THR C 225 21.41 -18.10 24.69
N VAL C 226 20.70 -17.62 25.70
CA VAL C 226 20.34 -18.42 26.89
C VAL C 226 18.83 -18.27 27.05
N ASN C 227 18.13 -19.38 27.26
CA ASN C 227 16.66 -19.34 27.46
C ASN C 227 16.32 -18.43 28.66
N LEU C 228 15.28 -17.62 28.53
CA LEU C 228 14.85 -16.74 29.65
C LEU C 228 14.63 -17.57 30.90
N GLU C 229 14.11 -18.78 30.74
CA GLU C 229 13.86 -19.67 31.86
C GLU C 229 15.13 -19.78 32.70
N LYS C 230 16.26 -19.95 32.04
CA LYS C 230 17.52 -20.12 32.73
C LYS C 230 17.95 -18.82 33.41
N VAL C 231 17.66 -17.67 32.79
CA VAL C 231 17.99 -16.39 33.40
C VAL C 231 17.19 -16.25 34.70
N LEU C 232 15.90 -16.59 34.60
CA LEU C 232 14.95 -16.41 35.68
C LEU C 232 15.26 -17.39 36.79
N SER C 233 15.63 -18.62 36.44
CA SER C 233 15.96 -19.59 37.48
C SER C 233 17.21 -19.13 38.23
N THR C 234 18.24 -18.68 37.47
CA THR C 234 19.48 -18.26 38.09
C THR C 234 19.25 -17.01 38.92
N ASN C 235 18.46 -16.08 38.40
CA ASN C 235 18.09 -14.90 39.15
C ASN C 235 19.35 -14.16 39.62
N PRO C 236 20.16 -13.60 38.68
CA PRO C 236 21.40 -12.95 39.05
C PRO C 236 21.24 -11.73 39.94
N ASP C 237 22.31 -11.38 40.67
CA ASP C 237 22.32 -10.18 41.49
C ASP C 237 22.17 -8.93 40.63
N ILE C 238 22.72 -8.99 39.42
CA ILE C 238 22.77 -7.82 38.58
C ILE C 238 22.33 -8.19 37.16
N TYR C 239 21.55 -7.26 36.59
CA TYR C 239 21.03 -7.34 35.25
C TYR C 239 21.53 -6.12 34.46
N ILE C 240 22.11 -6.40 33.29
CA ILE C 240 22.51 -5.31 32.38
C ILE C 240 21.87 -5.55 31.01
N ALA C 241 21.32 -4.49 30.44
CA ALA C 241 20.83 -4.48 29.09
C ALA C 241 21.70 -3.58 28.24
N SER C 242 22.07 -4.11 27.08
CA SER C 242 22.78 -3.29 26.09
C SER C 242 21.79 -2.78 25.03
N GLY C 243 22.01 -1.58 24.51
CA GLY C 243 21.26 -1.06 23.38
C GLY C 243 21.89 0.21 22.83
N GLY C 244 21.43 0.62 21.65
CA GLY C 244 21.86 1.86 21.02
C GLY C 244 20.70 2.50 20.26
N LYS C 245 19.51 2.37 20.83
CA LYS C 245 18.27 2.75 20.16
C LYS C 245 18.19 4.27 20.07
N ALA C 246 17.66 4.73 18.92
CA ALA C 246 17.37 6.13 18.71
C ALA C 246 16.35 6.57 19.75
N PRO C 247 16.39 7.84 20.21
CA PRO C 247 15.24 8.40 20.90
C PRO C 247 14.05 8.51 19.93
N ASP C 248 12.89 8.17 20.47
CA ASP C 248 11.61 8.29 19.79
C ASP C 248 11.24 7.01 19.07
N ASN C 249 12.12 6.00 19.09
CA ASN C 249 11.76 4.67 18.63
C ASN C 249 10.98 4.04 19.76
N ASN C 250 9.74 3.63 19.46
CA ASN C 250 8.81 3.12 20.47
C ASN C 250 9.03 1.63 20.70
N ALA C 251 9.65 0.93 19.74
CA ALA C 251 10.01 -0.46 19.92
C ALA C 251 10.81 -0.60 21.22
N PRO C 252 10.73 -1.73 21.94
CA PRO C 252 11.46 -1.87 23.20
C PRO C 252 12.94 -1.96 22.88
N GLY C 253 13.76 -1.34 23.69
CA GLY C 253 15.18 -1.16 23.38
C GLY C 253 15.73 -0.06 24.28
N VAL C 254 16.98 -0.20 24.73
CA VAL C 254 17.61 0.85 25.50
C VAL C 254 18.08 1.90 24.52
N SER C 255 17.60 3.11 24.71
CA SER C 255 18.05 4.27 23.98
C SER C 255 19.31 4.78 24.65
N LEU C 256 20.45 4.65 23.95
CA LEU C 256 21.73 5.20 24.34
C LEU C 256 22.51 5.63 23.10
N GLY C 257 23.39 6.61 23.29
CA GLY C 257 24.25 7.09 22.22
C GLY C 257 24.42 8.60 22.29
N ALA C 258 25.05 9.13 21.22
CA ALA C 258 25.51 10.50 21.16
C ALA C 258 24.34 11.48 21.26
N GLN C 259 23.14 11.05 20.82
CA GLN C 259 22.01 11.95 20.71
C GLN C 259 20.91 11.63 21.73
N VAL C 260 21.26 10.99 22.85
CA VAL C 260 20.27 10.57 23.84
C VAL C 260 20.55 11.29 25.15
N THR C 261 19.47 11.78 25.78
CA THR C 261 19.58 12.40 27.10
C THR C 261 19.39 11.35 28.18
N LYS C 262 19.67 11.74 29.43
CA LYS C 262 19.56 10.87 30.61
C LYS C 262 18.13 10.35 30.73
N GLU C 263 17.17 11.29 30.61
CA GLU C 263 15.76 11.03 30.82
C GLU C 263 15.21 10.07 29.77
N GLN C 264 15.65 10.22 28.52
CA GLN C 264 15.21 9.31 27.47
C GLN C 264 15.84 7.95 27.69
N ALA C 265 17.10 7.94 28.15
CA ALA C 265 17.80 6.72 28.49
C ALA C 265 17.06 5.96 29.59
N GLN C 266 16.73 6.66 30.69
CA GLN C 266 16.12 6.03 31.84
C GLN C 266 14.75 5.46 31.50
N SER C 267 14.00 6.27 30.75
CA SER C 267 12.65 5.89 30.37
C SER C 267 12.68 4.62 29.51
N SER C 268 13.62 4.54 28.55
CA SER C 268 13.64 3.41 27.63
C SER C 268 14.13 2.15 28.35
N LEU C 269 15.04 2.31 29.32
CA LEU C 269 15.45 1.20 30.15
C LEU C 269 14.23 0.64 30.89
N GLN C 270 13.46 1.54 31.48
CA GLN C 270 12.30 1.15 32.27
C GLN C 270 11.37 0.26 31.43
N THR C 271 11.10 0.64 30.17
CA THR C 271 10.27 -0.17 29.29
C THR C 271 10.89 -1.55 29.10
N ILE C 272 12.22 -1.63 29.05
CA ILE C 272 12.92 -2.90 28.89
C ILE C 272 12.75 -3.78 30.13
N LEU C 273 12.82 -3.14 31.30
CA LEU C 273 12.68 -3.81 32.58
C LEU C 273 11.23 -4.25 32.85
N ASP C 274 10.24 -3.68 32.15
CA ASP C 274 8.85 -3.96 32.41
C ASP C 274 8.36 -5.18 31.63
N ARG C 275 9.14 -5.66 30.67
CA ARG C 275 8.74 -6.82 29.87
C ARG C 275 8.37 -7.99 30.79
N LYS C 276 7.39 -8.77 30.33
CA LYS C 276 6.98 -9.99 31.01
C LYS C 276 8.19 -10.91 31.20
N GLY C 277 8.27 -11.60 32.34
CA GLY C 277 9.37 -12.51 32.65
C GLY C 277 10.55 -11.74 33.25
N ILE C 278 11.15 -10.88 32.42
CA ILE C 278 12.23 -10.02 32.87
C ILE C 278 11.80 -9.27 34.13
N ASN C 279 10.57 -8.75 34.17
CA ASN C 279 10.14 -7.93 35.30
C ASN C 279 10.05 -8.72 36.61
N THR C 280 10.22 -10.06 36.60
CA THR C 280 10.18 -10.83 37.83
C THR C 280 11.57 -11.05 38.44
N LEU C 281 12.65 -10.57 37.79
CA LEU C 281 13.98 -10.74 38.34
C LEU C 281 14.12 -9.90 39.61
N SER C 282 14.87 -10.44 40.60
CA SER C 282 15.20 -9.71 41.82
C SER C 282 16.06 -8.49 41.52
N ALA C 283 16.95 -8.60 40.53
CA ALA C 283 17.81 -7.48 40.15
C ALA C 283 16.95 -6.30 39.72
N VAL C 284 15.85 -6.56 39.01
CA VAL C 284 14.94 -5.53 38.54
C VAL C 284 14.19 -4.95 39.75
N LYS C 285 13.77 -5.82 40.68
CA LYS C 285 13.03 -5.40 41.86
C LYS C 285 13.96 -4.62 42.79
N ASN C 286 15.19 -5.12 42.97
CA ASN C 286 16.19 -4.46 43.80
C ASN C 286 16.72 -3.19 43.15
N GLY C 287 16.45 -2.98 41.86
CA GLY C 287 16.97 -1.82 41.16
C GLY C 287 18.45 -1.96 40.78
N ARG C 288 19.00 -3.18 40.83
CA ARG C 288 20.33 -3.44 40.33
C ARG C 288 20.23 -3.83 38.85
N SER C 289 19.71 -2.87 38.07
CA SER C 289 19.40 -3.03 36.67
C SER C 289 19.88 -1.79 35.92
N TYR C 290 20.61 -2.03 34.81
CA TYR C 290 21.46 -1.02 34.21
C TYR C 290 21.48 -1.15 32.68
N GLY C 291 21.82 -0.06 31.99
CA GLY C 291 21.90 -0.02 30.54
C GLY C 291 23.27 0.45 30.07
N ILE C 292 23.85 -0.28 29.11
CA ILE C 292 25.19 0.03 28.55
C ILE C 292 25.08 0.16 27.02
N TRP C 293 25.79 1.10 26.43
CA TRP C 293 25.82 1.29 24.96
C TRP C 293 26.31 0.01 24.32
N HIS C 294 25.53 -0.54 23.39
CA HIS C 294 25.86 -1.86 22.78
C HIS C 294 27.18 -1.83 22.01
N ASN C 295 27.52 -0.70 21.39
CA ASN C 295 28.68 -0.75 20.52
C ASN C 295 29.99 -0.80 21.32
N PHE C 296 29.90 -0.78 22.64
CA PHE C 296 31.11 -1.06 23.45
C PHE C 296 31.42 -2.55 23.31
N TYR C 297 30.50 -3.31 22.71
CA TYR C 297 30.73 -4.76 22.47
C TYR C 297 31.77 -4.94 21.35
N ASN C 298 32.13 -3.85 20.66
CA ASN C 298 33.09 -3.96 19.58
C ASN C 298 33.84 -2.65 19.39
N SER C 299 34.48 -2.16 20.46
CA SER C 299 35.14 -0.87 20.43
C SER C 299 36.28 -0.81 21.42
N PRO C 300 37.43 -0.18 21.09
CA PRO C 300 38.49 0.05 22.05
C PRO C 300 38.14 1.12 23.08
N TYR C 301 36.97 1.74 22.93
CA TYR C 301 36.49 2.66 23.93
C TYR C 301 35.89 1.85 25.08
N ASN C 302 35.94 0.52 25.00
CA ASN C 302 35.26 -0.33 25.97
C ASN C 302 35.75 -0.12 27.42
N VAL C 303 36.87 0.58 27.65
CA VAL C 303 37.30 0.92 29.00
C VAL C 303 36.16 1.60 29.78
N LEU C 304 35.33 2.39 29.08
CA LEU C 304 34.19 3.05 29.70
C LEU C 304 33.13 2.07 30.23
N ALA C 305 32.92 0.96 29.51
CA ALA C 305 32.02 -0.10 29.95
C ALA C 305 32.59 -0.82 31.17
N ILE C 306 33.90 -1.10 31.17
CA ILE C 306 34.54 -1.75 32.29
C ILE C 306 34.38 -0.90 33.56
N GLN C 307 34.59 0.40 33.43
CA GLN C 307 34.47 1.28 34.59
C GLN C 307 33.00 1.38 35.03
N SER C 308 32.09 1.46 34.05
CA SER C 308 30.68 1.50 34.36
C SER C 308 30.30 0.24 35.16
N PHE C 309 30.62 -0.93 34.63
CA PHE C 309 30.22 -2.19 35.29
C PHE C 309 30.75 -2.23 36.71
N ALA C 310 31.99 -1.79 36.92
CA ALA C 310 32.63 -1.91 38.22
C ALA C 310 31.81 -1.13 39.26
N LYS C 311 31.34 0.02 38.80
CA LYS C 311 30.58 0.94 39.61
C LYS C 311 29.23 0.31 39.93
N TRP C 312 28.64 -0.41 38.98
CA TRP C 312 27.38 -1.07 39.21
C TRP C 312 27.58 -2.29 40.11
N PHE C 313 28.76 -2.91 40.05
CA PHE C 313 28.99 -4.14 40.77
C PHE C 313 29.37 -3.83 42.22
N TYR C 314 30.16 -2.77 42.40
CA TYR C 314 30.68 -2.43 43.72
C TYR C 314 30.51 -0.94 43.94
N PRO C 315 29.26 -0.48 44.17
CA PRO C 315 28.91 0.94 44.09
C PRO C 315 29.67 1.83 45.07
N GLN C 316 29.96 1.25 46.24
CA GLN C 316 30.66 1.98 47.29
C GLN C 316 32.16 2.05 46.96
N GLN C 317 32.77 0.92 46.58
CA GLN C 317 34.19 0.87 46.26
C GLN C 317 34.55 1.83 45.12
N PHE C 318 33.62 2.12 44.21
CA PHE C 318 33.92 2.97 43.05
C PHE C 318 33.07 4.24 43.04
N ALA C 319 32.72 4.72 44.25
CA ALA C 319 31.94 5.95 44.44
C ALA C 319 32.54 7.11 43.65
N ASP C 320 33.85 7.33 43.82
CA ASP C 320 34.49 8.50 43.24
C ASP C 320 34.97 8.27 41.79
N LEU C 321 34.87 7.04 41.26
CA LEU C 321 35.22 6.84 39.85
C LEU C 321 34.10 7.41 38.98
N ASP C 322 34.46 8.17 37.95
CA ASP C 322 33.49 8.85 37.13
C ASP C 322 33.78 8.60 35.64
N PRO C 323 33.09 7.62 35.01
CA PRO C 323 33.28 7.35 33.59
C PRO C 323 33.05 8.54 32.66
N ASN C 324 32.22 9.52 33.07
CA ASN C 324 31.96 10.70 32.25
C ASN C 324 33.24 11.52 32.12
N ASN C 325 34.02 11.54 33.20
CA ASN C 325 35.32 12.18 33.20
C ASN C 325 36.28 11.41 32.27
N THR C 326 36.29 10.08 32.40
CA THR C 326 37.15 9.24 31.59
C THR C 326 36.84 9.51 30.11
N MET C 327 35.54 9.57 29.78
CA MET C 327 35.10 9.77 28.41
C MET C 327 35.54 11.14 27.91
N ASN C 328 35.40 12.14 28.77
CA ASN C 328 35.80 13.48 28.40
C ASN C 328 37.28 13.49 28.03
N SER C 329 38.11 12.79 28.83
CA SER C 329 39.53 12.79 28.55
C SER C 329 39.80 12.12 27.21
N LEU C 330 39.11 11.01 26.96
CA LEU C 330 39.32 10.28 25.73
C LEU C 330 39.04 11.18 24.55
N TYR C 331 37.91 11.91 24.59
CA TYR C 331 37.55 12.80 23.49
C TYR C 331 38.64 13.86 23.31
N SER C 332 38.97 14.56 24.41
CA SER C 332 39.94 15.65 24.39
C SER C 332 41.25 15.23 23.73
N GLN C 333 41.75 14.08 24.14
CA GLN C 333 43.09 13.67 23.80
C GLN C 333 43.15 13.06 22.40
N PHE C 334 42.06 12.44 21.91
CA PHE C 334 42.20 11.53 20.78
C PHE C 334 41.30 11.89 19.61
N LEU C 335 40.22 12.62 19.87
CA LEU C 335 39.13 12.67 18.93
C LEU C 335 38.91 14.10 18.42
N ALA C 336 38.23 14.19 17.27
CA ALA C 336 38.00 15.46 16.59
C ALA C 336 36.60 15.99 16.87
N ILE C 337 35.84 15.33 17.74
CA ILE C 337 34.46 15.70 17.99
C ILE C 337 34.26 15.82 19.48
N GLU C 338 33.17 16.48 19.86
CA GLU C 338 32.82 16.70 21.25
C GLU C 338 32.01 15.54 21.79
N PRO C 339 32.18 15.15 23.08
CA PRO C 339 31.33 14.13 23.66
C PRO C 339 29.91 14.65 23.92
N THR C 340 28.90 13.91 23.46
CA THR C 340 27.50 14.25 23.75
C THR C 340 26.73 12.99 24.12
N GLY C 341 25.56 13.17 24.74
CA GLY C 341 24.58 12.11 24.86
C GLY C 341 24.86 11.22 26.07
N THR C 342 24.29 10.01 26.04
CA THR C 342 24.31 9.11 27.18
C THR C 342 24.72 7.71 26.71
N TYR C 343 25.70 7.11 27.43
CA TYR C 343 26.28 5.83 27.07
C TYR C 343 26.14 4.78 28.17
N TRP C 344 25.59 5.20 29.32
CA TRP C 344 25.21 4.27 30.39
C TRP C 344 24.11 4.88 31.24
N VAL C 345 23.36 4.04 31.95
CA VAL C 345 22.20 4.49 32.71
C VAL C 345 21.86 3.51 33.83
N ASP C 346 21.47 4.05 34.99
CA ASP C 346 20.86 3.30 36.09
C ASP C 346 19.36 3.48 36.08
N SER C 347 18.67 2.52 36.73
CA SER C 347 17.26 2.60 37.08
C SER C 347 16.96 3.88 37.89
#